data_3KTA
#
_entry.id   3KTA
#
_cell.length_a   65.000
_cell.length_b   86.100
_cell.length_c   70.100
_cell.angle_alpha   90.00
_cell.angle_beta   116.60
_cell.angle_gamma   90.00
#
_symmetry.space_group_name_H-M   'P 1 21 1'
#
loop_
_entity.id
_entity.type
_entity.pdbx_description
1 polymer 'Chromosome segregation protein smc'
2 polymer 'Chromosome segregation protein smc'
3 non-polymer "BIS(ADENOSINE)-5'-PENTAPHOSPHATE"
4 non-polymer 'MAGNESIUM ION'
5 water water
#
loop_
_entity_poly.entity_id
_entity_poly.type
_entity_poly.pdbx_seq_one_letter_code
_entity_poly.pdbx_strand_id
1 'polypeptide(L)'
;(MSE)PYIEKLELKGFKSYGNKKVVIPFSKGFTAIVGANGSGKSNIGDAILFVLGGLSAKA(MSE)RASRISDLIFAGSK
NEPPAKYAEVAIYFNNEDRGFPIDEDEVVIRRRVYPDGRSSYWLNGRRATRSEILDILTAA(MSE)ISPDGYNIVLQGDI
TKFIK(MSE)SPLERRLLIDDISGIAEYDSKKEKALEE
;
A,C
2 'polypeptide(L)'
;(MSE)EKEKKNVF(MSE)RTFEAISRNFSEIFAKLSPGGSARLILENPEDPFSGGLEIEAKPAGKDVKRIEA(MSE)SGG
EKALTALAFVFAIQKFKPAPFYLFDEIDAHLDDANVKRVADLIKESSKESQFIVITLRDV(MSE)(MSE)ANADKIIGVS
(MSE)RDGVSKVVSLSLEKA(MSE)KILEEIRKKQGWEHGN
;
B,D
#
# COMPACT_ATOMS: atom_id res chain seq x y z
N PRO A 2 18.47 -3.65 -0.24
CA PRO A 2 17.09 -3.15 -0.10
C PRO A 2 16.71 -3.01 1.36
N TYR A 3 15.57 -2.41 1.64
CA TYR A 3 15.08 -2.35 3.02
C TYR A 3 13.57 -2.31 3.02
N ILE A 4 12.99 -2.63 4.17
CA ILE A 4 11.55 -2.69 4.31
C ILE A 4 10.95 -1.30 4.55
N GLU A 5 10.06 -0.88 3.65
CA GLU A 5 9.38 0.40 3.84
C GLU A 5 8.20 0.23 4.78
N LYS A 6 7.44 -0.83 4.56
CA LYS A 6 6.27 -1.09 5.40
C LYS A 6 5.73 -2.51 5.20
N LEU A 7 4.92 -2.95 6.17
CA LEU A 7 4.07 -4.12 6.06
C LEU A 7 2.60 -3.71 6.02
N GLU A 8 1.79 -4.50 5.34
CA GLU A 8 0.34 -4.39 5.41
C GLU A 8 -0.21 -5.75 5.82
N LEU A 9 -0.92 -5.78 6.96
CA LEU A 9 -1.48 -7.01 7.50
C LEU A 9 -3.00 -6.97 7.39
N LYS A 10 -3.60 -8.03 6.86
CA LYS A 10 -5.04 -8.17 6.86
C LYS A 10 -5.44 -9.57 7.31
N GLY A 11 -6.15 -9.66 8.44
CA GLY A 11 -6.59 -10.93 8.95
C GLY A 11 -5.45 -11.79 9.47
N PHE A 12 -4.36 -11.11 9.84
CA PHE A 12 -3.15 -11.83 10.25
C PHE A 12 -2.97 -11.86 11.77
N LYS A 13 -2.98 -13.08 12.33
CA LYS A 13 -2.89 -13.30 13.78
C LYS A 13 -3.73 -12.31 14.57
N SER A 14 -3.15 -11.61 15.53
CA SER A 14 -3.95 -10.74 16.40
C SER A 14 -4.38 -9.39 15.79
N TYR A 15 -4.06 -9.14 14.52
CA TYR A 15 -4.25 -7.79 13.97
C TYR A 15 -5.62 -7.43 13.39
N GLY A 16 -6.55 -8.37 13.44
CA GLY A 16 -7.94 -8.10 13.12
C GLY A 16 -8.25 -8.20 11.64
N ASN A 17 -9.50 -7.91 11.29
CA ASN A 17 -9.99 -8.13 9.93
C ASN A 17 -9.67 -7.04 8.92
N LYS A 18 -9.36 -5.84 9.41
CA LYS A 18 -9.10 -4.72 8.51
C LYS A 18 -7.61 -4.60 8.26
N LYS A 19 -7.23 -3.91 7.18
CA LYS A 19 -5.83 -3.78 6.80
C LYS A 19 -5.09 -2.86 7.76
N VAL A 20 -4.00 -3.37 8.33
CA VAL A 20 -3.13 -2.64 9.25
C VAL A 20 -1.83 -2.30 8.52
N VAL A 21 -1.45 -1.02 8.51
CA VAL A 21 -0.19 -0.57 7.92
C VAL A 21 0.86 -0.37 8.99
N ILE A 22 2.04 -0.97 8.81
CA ILE A 22 3.13 -0.83 9.78
C ILE A 22 4.39 -0.35 9.07
N PRO A 23 4.76 0.93 9.28
CA PRO A 23 5.89 1.54 8.59
C PRO A 23 7.16 1.37 9.39
N PHE A 24 8.31 1.33 8.71
CA PHE A 24 9.60 1.19 9.36
C PHE A 24 10.58 2.28 8.89
N SER A 25 11.47 2.70 9.78
CA SER A 25 12.58 3.55 9.37
C SER A 25 13.55 2.74 8.52
N LYS A 26 14.21 3.37 7.56
CA LYS A 26 15.30 2.72 6.83
C LYS A 26 16.42 2.30 7.78
N GLY A 27 16.49 2.97 8.92
CA GLY A 27 17.52 2.70 9.92
C GLY A 27 17.03 1.80 11.05
N PHE A 28 16.91 2.38 12.24
CA PHE A 28 16.60 1.64 13.46
C PHE A 28 15.18 1.96 13.95
N THR A 29 14.29 0.96 13.88
CA THR A 29 12.94 1.10 14.44
C THR A 29 12.86 0.25 15.70
N ALA A 30 12.33 0.83 16.77
CA ALA A 30 12.04 0.06 17.98
C ALA A 30 10.55 -0.19 18.04
N ILE A 31 10.18 -1.39 18.46
CA ILE A 31 8.79 -1.78 18.65
C ILE A 31 8.57 -2.04 20.13
N VAL A 32 7.67 -1.27 20.74
CA VAL A 32 7.39 -1.38 22.17
C VAL A 32 5.90 -1.64 22.41
N GLY A 33 5.57 -2.13 23.59
CA GLY A 33 4.18 -2.45 23.90
C GLY A 33 4.13 -3.47 25.02
N ALA A 34 3.00 -3.50 25.72
CA ALA A 34 2.82 -4.38 26.86
C ALA A 34 3.04 -5.84 26.50
N ASN A 35 3.41 -6.64 27.50
CA ASN A 35 3.47 -8.08 27.31
C ASN A 35 2.16 -8.58 26.70
N GLY A 36 2.26 -9.42 25.67
CA GLY A 36 1.08 -9.99 25.04
C GLY A 36 0.31 -9.07 24.10
N SER A 37 0.86 -7.90 23.80
CA SER A 37 0.12 -6.92 23.00
C SER A 37 0.11 -7.22 21.50
N GLY A 38 1.02 -8.08 21.04
CA GLY A 38 1.11 -8.45 19.63
C GLY A 38 2.42 -8.10 18.91
N LYS A 39 3.50 -7.88 19.66
CA LYS A 39 4.76 -7.44 19.07
C LYS A 39 5.41 -8.53 18.20
N SER A 40 5.59 -9.72 18.77
CA SER A 40 6.25 -10.78 18.02
C SER A 40 5.48 -11.17 16.78
N ASN A 41 4.16 -11.01 16.82
CA ASN A 41 3.32 -11.30 15.65
C ASN A 41 3.74 -10.48 14.41
N ILE A 42 4.27 -9.28 14.62
CA ILE A 42 4.82 -8.49 13.51
C ILE A 42 6.01 -9.19 12.87
N GLY A 43 6.90 -9.73 13.70
CA GLY A 43 7.96 -10.57 13.21
C GLY A 43 7.41 -11.77 12.45
N ASP A 44 6.33 -12.36 12.96
CA ASP A 44 5.78 -13.53 12.28
C ASP A 44 5.21 -13.15 10.91
N ALA A 45 4.72 -11.92 10.78
CA ALA A 45 4.22 -11.43 9.50
C ALA A 45 5.35 -11.39 8.47
N ILE A 46 6.54 -11.02 8.93
CA ILE A 46 7.72 -11.02 8.07
C ILE A 46 8.13 -12.43 7.67
N LEU A 47 8.21 -13.35 8.63
CA LEU A 47 8.50 -14.74 8.32
C LEU A 47 7.51 -15.29 7.28
N PHE A 48 6.24 -14.97 7.49
CA PHE A 48 5.16 -15.49 6.65
C PHE A 48 5.26 -15.00 5.21
N VAL A 49 5.39 -13.69 5.05
CA VAL A 49 5.38 -13.12 3.69
C VAL A 49 6.64 -13.48 2.91
N LEU A 50 7.72 -13.80 3.61
CA LEU A 50 8.98 -14.19 2.96
C LEU A 50 9.04 -15.70 2.70
N GLY A 51 7.91 -16.36 2.91
CA GLY A 51 7.76 -17.73 2.42
C GLY A 51 7.85 -18.82 3.47
N GLY A 52 7.79 -18.44 4.74
CA GLY A 52 7.90 -19.41 5.82
C GLY A 52 6.96 -20.58 5.65
N LEU A 53 7.51 -21.80 5.70
CA LEU A 53 6.72 -23.00 5.55
C LEU A 53 6.49 -23.71 6.88
N SER A 54 7.16 -23.23 7.93
CA SER A 54 7.02 -23.84 9.26
C SER A 54 6.03 -23.11 10.15
N ALA A 55 4.83 -23.65 10.27
CA ALA A 55 3.82 -23.03 11.13
C ALA A 55 4.37 -22.91 12.55
N LYS A 56 5.10 -23.94 12.98
CA LYS A 56 5.64 -23.99 14.34
C LYS A 56 6.58 -22.82 14.63
N ALA A 57 7.37 -22.42 13.63
CA ALA A 57 8.28 -21.29 13.81
C ALA A 57 7.50 -20.01 14.11
N ARG A 59 4.66 -20.12 15.68
CA ARG A 59 3.87 -20.47 16.86
C ARG A 59 2.43 -20.84 16.52
N ALA A 60 2.25 -21.50 15.39
CA ALA A 60 0.96 -22.02 14.98
C ALA A 60 1.05 -23.53 14.81
N SER A 61 -0.03 -24.24 15.09
CA SER A 61 -0.05 -25.69 14.88
C SER A 61 -0.06 -25.99 13.40
N ARG A 62 -0.87 -25.26 12.66
CA ARG A 62 -0.85 -25.32 11.20
C ARG A 62 -0.98 -23.92 10.64
N ILE A 63 -0.64 -23.76 9.37
CA ILE A 63 -0.57 -22.43 8.77
C ILE A 63 -1.91 -21.67 8.79
N SER A 64 -3.03 -22.37 8.67
CA SER A 64 -4.33 -21.72 8.71
C SER A 64 -4.64 -21.08 10.06
N ASP A 65 -3.94 -21.54 11.10
CA ASP A 65 -4.11 -21.00 12.45
C ASP A 65 -3.61 -19.56 12.54
N LEU A 66 -2.95 -19.10 11.49
CA LEU A 66 -2.49 -17.71 11.42
C LEU A 66 -3.63 -16.75 11.08
N ILE A 67 -4.79 -17.30 10.74
CA ILE A 67 -5.91 -16.45 10.38
C ILE A 67 -6.59 -15.89 11.62
N PHE A 68 -6.76 -14.58 11.62
CA PHE A 68 -7.41 -13.87 12.72
C PHE A 68 -8.73 -14.50 13.14
N ALA A 69 -8.81 -14.81 14.42
CA ALA A 69 -10.05 -15.24 15.06
C ALA A 69 -10.02 -14.65 16.45
N GLY A 70 -10.83 -13.62 16.68
CA GLY A 70 -10.85 -12.91 17.95
C GLY A 70 -11.13 -13.79 19.14
N SER A 71 -12.10 -14.68 19.00
CA SER A 71 -12.43 -15.63 20.06
C SER A 71 -12.93 -16.95 19.46
N PRO A 76 -14.19 -15.71 12.09
CA PRO A 76 -12.82 -15.27 11.79
C PRO A 76 -12.70 -14.60 10.41
N ALA A 77 -11.47 -14.20 10.08
CA ALA A 77 -11.19 -13.67 8.75
C ALA A 77 -11.33 -14.77 7.69
N LYS A 78 -11.57 -14.37 6.44
CA LYS A 78 -11.71 -15.34 5.35
C LYS A 78 -10.35 -15.90 4.91
N TYR A 79 -9.29 -15.20 5.31
CA TYR A 79 -7.92 -15.64 5.05
C TYR A 79 -6.99 -14.67 5.78
N ALA A 80 -5.70 -14.98 5.78
CA ALA A 80 -4.69 -14.06 6.31
C ALA A 80 -3.82 -13.58 5.17
N GLU A 81 -3.53 -12.28 5.12
CA GLU A 81 -2.68 -11.74 4.08
C GLU A 81 -1.64 -10.76 4.62
N VAL A 82 -0.41 -10.88 4.12
CA VAL A 82 0.62 -9.90 4.42
C VAL A 82 1.24 -9.41 3.12
N ALA A 83 1.39 -8.09 3.03
CA ALA A 83 2.17 -7.50 1.95
C ALA A 83 3.40 -6.82 2.53
N ILE A 84 4.54 -7.02 1.91
CA ILE A 84 5.77 -6.37 2.34
C ILE A 84 6.30 -5.49 1.21
N TYR A 85 6.64 -4.25 1.52
CA TYR A 85 7.09 -3.27 0.53
C TYR A 85 8.58 -3.00 0.73
N PHE A 86 9.41 -3.41 -0.24
CA PHE A 86 10.85 -3.16 -0.16
C PHE A 86 11.24 -1.96 -0.99
N ASN A 87 12.05 -1.09 -0.42
CA ASN A 87 12.78 -0.15 -1.26
C ASN A 87 13.92 -0.87 -1.98
N ASN A 88 13.94 -0.75 -3.31
CA ASN A 88 14.93 -1.43 -4.15
C ASN A 88 15.69 -0.44 -5.00
N GLU A 89 15.84 0.79 -4.53
CA GLU A 89 16.65 1.74 -5.26
C GLU A 89 18.08 1.25 -5.46
N ASP A 90 18.56 0.41 -4.54
CA ASP A 90 19.93 -0.13 -4.62
C ASP A 90 20.05 -1.33 -5.57
N ARG A 91 18.93 -1.74 -6.14
CA ARG A 91 18.89 -2.89 -7.05
C ARG A 91 19.44 -4.16 -6.44
N GLY A 92 19.26 -4.31 -5.13
CA GLY A 92 19.58 -5.56 -4.48
C GLY A 92 18.75 -6.70 -5.06
N PHE A 93 17.47 -6.45 -5.32
CA PHE A 93 16.64 -7.41 -6.03
C PHE A 93 16.95 -7.30 -7.51
N PRO A 94 17.04 -8.45 -8.20
CA PRO A 94 17.29 -8.45 -9.64
C PRO A 94 16.02 -8.12 -10.42
N ILE A 95 15.43 -6.98 -10.08
CA ILE A 95 14.20 -6.49 -10.69
C ILE A 95 14.41 -5.00 -10.94
N ASP A 96 14.13 -4.54 -12.15
CA ASP A 96 14.39 -3.16 -12.53
C ASP A 96 13.28 -2.23 -12.04
N GLU A 97 13.03 -2.25 -10.74
CA GLU A 97 12.04 -1.37 -10.13
C GLU A 97 12.55 -0.84 -8.80
N ASP A 98 12.22 0.41 -8.48
CA ASP A 98 12.58 1.00 -7.19
C ASP A 98 11.79 0.43 -6.03
N GLU A 99 10.67 -0.22 -6.32
CA GLU A 99 9.85 -0.85 -5.28
C GLU A 99 9.61 -2.30 -5.64
N VAL A 100 9.80 -3.20 -4.68
CA VAL A 100 9.47 -4.61 -4.84
C VAL A 100 8.45 -4.98 -3.79
N VAL A 101 7.27 -5.40 -4.23
CA VAL A 101 6.17 -5.71 -3.31
C VAL A 101 5.90 -7.19 -3.40
N ILE A 102 5.94 -7.86 -2.25
CA ILE A 102 5.61 -9.27 -2.18
C ILE A 102 4.38 -9.44 -1.28
N ARG A 103 3.43 -10.25 -1.73
CA ARG A 103 2.21 -10.48 -0.95
C ARG A 103 1.98 -11.97 -0.86
N ARG A 104 1.54 -12.43 0.31
CA ARG A 104 1.17 -13.81 0.53
C ARG A 104 -0.18 -13.86 1.22
N ARG A 105 -1.05 -14.72 0.72
CA ARG A 105 -2.36 -14.89 1.34
C ARG A 105 -2.55 -16.38 1.63
N VAL A 106 -2.96 -16.71 2.85
CA VAL A 106 -3.26 -18.10 3.18
C VAL A 106 -4.75 -18.26 3.49
N TYR A 107 -5.33 -19.35 3.00
CA TYR A 107 -6.75 -19.62 3.18
C TYR A 107 -7.00 -20.65 4.27
N PRO A 108 -8.25 -20.74 4.74
CA PRO A 108 -8.59 -21.70 5.80
C PRO A 108 -8.19 -23.15 5.47
N ASP A 109 -8.07 -23.49 4.20
CA ASP A 109 -7.69 -24.86 3.82
C ASP A 109 -6.19 -25.08 3.79
N GLY A 110 -5.42 -24.02 4.01
CA GLY A 110 -3.98 -24.15 4.14
C GLY A 110 -3.17 -23.79 2.90
N ARG A 111 -3.85 -23.51 1.80
CA ARG A 111 -3.17 -23.12 0.56
C ARG A 111 -2.81 -21.64 0.56
N SER A 112 -1.69 -21.32 -0.07
CA SER A 112 -1.20 -19.95 -0.17
C SER A 112 -1.13 -19.46 -1.60
N SER A 113 -1.50 -18.21 -1.79
CA SER A 113 -1.33 -17.50 -3.05
C SER A 113 -0.27 -16.43 -2.85
N TYR A 114 0.52 -16.16 -3.89
CA TYR A 114 1.58 -15.15 -3.82
C TYR A 114 1.48 -14.15 -4.97
N TRP A 115 1.93 -12.92 -4.73
CA TRP A 115 2.05 -11.88 -5.76
C TRP A 115 3.43 -11.26 -5.65
N LEU A 116 4.01 -10.91 -6.80
CA LEU A 116 5.24 -10.16 -6.87
C LEU A 116 4.99 -8.96 -7.76
N ASN A 117 5.16 -7.77 -7.22
CA ASN A 117 4.87 -6.55 -7.97
C ASN A 117 3.52 -6.56 -8.68
N GLY A 118 2.51 -7.06 -7.98
CA GLY A 118 1.14 -6.94 -8.45
C GLY A 118 0.75 -8.00 -9.43
N ARG A 119 1.65 -8.96 -9.66
CA ARG A 119 1.36 -10.10 -10.54
C ARG A 119 1.45 -11.40 -9.76
N ARG A 120 0.52 -12.33 -10.01
CA ARG A 120 0.58 -13.63 -9.35
C ARG A 120 1.94 -14.32 -9.59
N ALA A 121 2.45 -14.97 -8.54
CA ALA A 121 3.77 -15.58 -8.57
C ALA A 121 3.71 -16.91 -7.84
N THR A 122 4.70 -17.78 -8.05
CA THR A 122 4.77 -19.03 -7.30
C THR A 122 5.68 -18.85 -6.09
N ARG A 123 5.62 -19.79 -5.15
CA ARG A 123 6.50 -19.70 -3.99
C ARG A 123 7.97 -19.71 -4.41
N SER A 124 8.34 -20.64 -5.28
CA SER A 124 9.74 -20.77 -5.67
C SER A 124 10.23 -19.51 -6.35
N GLU A 125 9.35 -18.86 -7.10
CA GLU A 125 9.69 -17.63 -7.78
C GLU A 125 10.05 -16.57 -6.74
N ILE A 126 9.24 -16.49 -5.68
CA ILE A 126 9.48 -15.55 -4.58
C ILE A 126 10.79 -15.88 -3.86
N LEU A 127 10.98 -17.15 -3.53
CA LEU A 127 12.17 -17.57 -2.81
C LEU A 127 13.43 -17.25 -3.61
N ASP A 128 13.36 -17.46 -4.91
CA ASP A 128 14.55 -17.22 -5.73
C ASP A 128 14.92 -15.73 -5.78
N ILE A 129 13.94 -14.85 -5.89
CA ILE A 129 14.23 -13.41 -5.87
C ILE A 129 14.80 -12.99 -4.52
N LEU A 130 14.23 -13.51 -3.44
CA LEU A 130 14.74 -13.17 -2.11
C LEU A 130 16.17 -13.65 -1.92
N THR A 131 16.45 -14.86 -2.38
CA THR A 131 17.80 -15.42 -2.28
C THR A 131 18.81 -14.56 -3.04
N ALA A 132 18.42 -14.10 -4.24
CA ALA A 132 19.27 -13.24 -5.05
C ALA A 132 19.57 -11.95 -4.32
N ALA A 133 18.60 -11.50 -3.52
CA ALA A 133 18.71 -10.25 -2.78
C ALA A 133 19.34 -10.44 -1.41
N ILE A 135 18.14 -12.44 1.16
CA ILE A 135 17.09 -12.44 2.19
C ILE A 135 16.41 -13.82 2.29
N SER A 136 16.20 -14.34 3.50
CA SER A 136 15.47 -15.60 3.68
C SER A 136 14.67 -15.63 4.99
N PRO A 137 13.57 -16.40 5.03
CA PRO A 137 12.76 -16.49 6.24
C PRO A 137 13.60 -16.83 7.48
N ASP A 138 14.67 -17.58 7.30
CA ASP A 138 15.41 -18.12 8.44
C ASP A 138 16.91 -17.80 8.46
N GLY A 139 17.29 -16.67 7.89
CA GLY A 139 18.68 -16.26 7.94
C GLY A 139 19.18 -15.95 9.34
N TYR A 140 20.50 -15.89 9.50
CA TYR A 140 21.11 -15.57 10.80
C TYR A 140 20.67 -14.17 11.26
N ASN A 141 20.18 -13.39 10.31
CA ASN A 141 19.82 -11.99 10.58
C ASN A 141 18.46 -11.84 11.22
N ILE A 142 17.73 -12.94 11.29
CA ILE A 142 16.42 -12.92 11.95
C ILE A 142 16.58 -13.65 13.28
N VAL A 143 16.42 -12.92 14.39
CA VAL A 143 16.60 -13.54 15.70
C VAL A 143 15.31 -13.48 16.48
N LEU A 144 14.59 -14.61 16.52
CA LEU A 144 13.26 -14.66 17.11
C LEU A 144 13.37 -14.63 18.64
N GLN A 145 12.23 -14.40 19.29
CA GLN A 145 12.23 -14.25 20.74
C GLN A 145 12.84 -15.47 21.42
N GLY A 146 13.77 -15.22 22.34
CA GLY A 146 14.42 -16.29 23.08
C GLY A 146 15.50 -17.06 22.34
N ASP A 147 15.86 -16.60 21.14
CA ASP A 147 16.72 -17.39 20.27
C ASP A 147 18.09 -16.76 19.99
N ILE A 148 18.45 -15.68 20.68
CA ILE A 148 19.74 -15.04 20.39
C ILE A 148 20.91 -15.99 20.58
N THR A 149 20.80 -16.91 21.53
CA THR A 149 21.90 -17.82 21.80
C THR A 149 21.96 -19.00 20.85
N LYS A 150 21.09 -19.02 19.83
CA LYS A 150 21.23 -20.04 18.78
C LYS A 150 22.68 -20.08 18.25
N PHE A 151 23.32 -18.93 18.23
CA PHE A 151 24.68 -18.81 17.71
C PHE A 151 25.70 -19.45 18.64
N ILE A 152 25.38 -19.54 19.92
CA ILE A 152 26.31 -20.21 20.83
C ILE A 152 25.90 -21.67 21.08
N LYS A 153 24.66 -22.02 20.72
CA LYS A 153 24.17 -23.39 20.87
C LYS A 153 24.50 -24.28 19.67
N SER A 155 26.50 -26.22 16.62
CA SER A 155 27.76 -26.95 16.62
C SER A 155 28.82 -26.11 15.92
N PRO A 156 30.10 -26.32 16.30
CA PRO A 156 31.18 -25.67 15.56
C PRO A 156 31.04 -25.87 14.05
N LEU A 157 30.56 -27.04 13.64
CA LEU A 157 30.42 -27.29 12.21
C LEU A 157 29.34 -26.41 11.59
N GLU A 158 28.17 -26.31 12.22
CA GLU A 158 27.13 -25.41 11.72
C GLU A 158 27.65 -23.98 11.67
N ARG A 159 28.46 -23.61 12.66
CA ARG A 159 28.96 -22.25 12.71
C ARG A 159 29.88 -21.94 11.52
N ARG A 160 30.72 -22.90 11.13
CA ARG A 160 31.59 -22.65 10.00
C ARG A 160 30.80 -22.53 8.71
N LEU A 161 29.75 -23.34 8.59
CA LEU A 161 28.94 -23.33 7.40
C LEU A 161 28.27 -21.97 7.17
N LEU A 162 27.92 -21.30 8.26
CA LEU A 162 27.41 -19.93 8.17
C LEU A 162 28.45 -19.03 7.51
N ILE A 163 29.71 -19.16 7.93
CA ILE A 163 30.77 -18.39 7.29
C ILE A 163 31.01 -18.78 5.82
N ASP A 164 30.92 -20.07 5.51
CA ASP A 164 30.94 -20.50 4.11
C ASP A 164 29.94 -19.69 3.30
N ASP A 165 28.72 -19.60 3.82
CA ASP A 165 27.64 -18.89 3.15
C ASP A 165 27.98 -17.42 2.95
N ILE A 166 28.42 -16.76 4.01
CA ILE A 166 28.76 -15.34 3.94
C ILE A 166 29.88 -15.07 2.92
N SER A 167 30.84 -15.98 2.84
CA SER A 167 32.00 -15.82 1.97
C SER A 167 31.60 -15.90 0.49
N GLY A 168 30.43 -16.48 0.23
CA GLY A 168 29.92 -16.56 -1.13
C GLY A 168 30.34 -17.81 -1.87
N ILE A 169 31.12 -18.67 -1.20
CA ILE A 169 31.54 -19.92 -1.82
C ILE A 169 30.41 -20.94 -1.79
N LYS B 3 42.02 -24.74 -3.52
CA LYS B 3 42.84 -23.53 -3.41
C LYS B 3 42.00 -22.25 -3.49
N GLU B 4 41.32 -22.05 -4.60
CA GLU B 4 40.54 -20.83 -4.84
C GLU B 4 39.40 -20.59 -3.82
N LYS B 5 38.67 -21.63 -3.47
CA LYS B 5 37.62 -21.49 -2.46
C LYS B 5 38.23 -21.25 -1.08
N LYS B 6 39.37 -21.89 -0.83
CA LYS B 6 40.08 -21.70 0.43
C LYS B 6 40.48 -20.25 0.61
N ASN B 7 40.92 -19.62 -0.49
CA ASN B 7 41.38 -18.25 -0.46
C ASN B 7 40.26 -17.26 -0.15
N VAL B 8 39.12 -17.44 -0.80
CA VAL B 8 37.95 -16.60 -0.53
C VAL B 8 37.49 -16.81 0.90
N PHE B 9 37.46 -18.06 1.36
CA PHE B 9 37.06 -18.35 2.73
C PHE B 9 37.96 -17.66 3.74
N ARG B 11 39.93 -15.06 3.54
CA ARG B 11 39.79 -13.60 3.56
C ARG B 11 38.53 -13.24 4.36
N THR B 12 37.47 -14.00 4.15
CA THR B 12 36.22 -13.75 4.85
C THR B 12 36.39 -14.09 6.33
N PHE B 13 36.97 -15.25 6.62
CA PHE B 13 37.19 -15.63 8.01
C PHE B 13 38.04 -14.62 8.78
N GLU B 14 39.16 -14.17 8.21
CA GLU B 14 40.03 -13.26 8.97
C GLU B 14 39.32 -11.94 9.23
N ALA B 15 38.51 -11.50 8.29
CA ALA B 15 37.77 -10.25 8.46
C ALA B 15 36.77 -10.37 9.59
N ILE B 16 35.95 -11.42 9.54
CA ILE B 16 34.97 -11.67 10.60
C ILE B 16 35.61 -11.96 11.97
N SER B 17 36.71 -12.72 11.97
CA SER B 17 37.43 -13.03 13.20
C SER B 17 37.90 -11.76 13.88
N ARG B 18 38.50 -10.86 13.11
CA ARG B 18 39.03 -9.62 13.69
C ARG B 18 37.86 -8.76 14.17
N ASN B 19 36.80 -8.69 13.37
CA ASN B 19 35.58 -7.97 13.77
C ASN B 19 35.04 -8.49 15.10
N PHE B 20 34.98 -9.82 15.21
CA PHE B 20 34.40 -10.44 16.39
C PHE B 20 35.18 -10.09 17.65
N SER B 21 36.50 -10.20 17.56
CA SER B 21 37.35 -9.84 18.70
C SER B 21 37.17 -8.36 19.11
N GLU B 22 37.16 -7.46 18.13
CA GLU B 22 37.01 -6.04 18.44
C GLU B 22 35.64 -5.76 19.05
N ILE B 23 34.60 -6.33 18.46
CA ILE B 23 33.26 -6.09 18.96
C ILE B 23 33.03 -6.70 20.34
N PHE B 24 33.53 -7.91 20.56
CA PHE B 24 33.40 -8.52 21.89
C PHE B 24 34.03 -7.65 22.96
N ALA B 25 35.22 -7.11 22.68
CA ALA B 25 35.93 -6.27 23.64
C ALA B 25 35.16 -4.97 23.91
N LYS B 26 34.50 -4.45 22.88
CA LYS B 26 33.67 -3.25 23.02
C LYS B 26 32.45 -3.52 23.90
N LEU B 27 31.76 -4.62 23.64
CA LEU B 27 30.54 -4.95 24.37
C LEU B 27 30.83 -5.36 25.81
N SER B 28 31.97 -5.99 26.03
CA SER B 28 32.42 -6.38 27.38
C SER B 28 33.77 -5.78 27.72
N PRO B 29 33.78 -4.51 28.15
CA PRO B 29 35.05 -3.84 28.46
C PRO B 29 35.90 -4.68 29.41
N GLY B 30 37.19 -4.81 29.09
CA GLY B 30 38.09 -5.61 29.90
C GLY B 30 38.11 -7.08 29.53
N GLY B 31 37.20 -7.49 28.66
CA GLY B 31 37.15 -8.88 28.22
C GLY B 31 37.67 -9.04 26.80
N SER B 32 37.82 -10.28 26.37
CA SER B 32 38.29 -10.57 25.02
C SER B 32 37.73 -11.90 24.53
N ALA B 33 37.71 -12.08 23.22
CA ALA B 33 37.25 -13.34 22.66
C ALA B 33 37.84 -13.57 21.28
N ARG B 34 37.85 -14.83 20.86
CA ARG B 34 38.41 -15.22 19.56
C ARG B 34 37.52 -16.23 18.84
N LEU B 35 37.57 -16.19 17.52
CA LEU B 35 37.07 -17.28 16.68
C LEU B 35 38.26 -18.17 16.31
N ILE B 36 38.05 -19.48 16.35
CA ILE B 36 39.12 -20.43 16.09
C ILE B 36 38.65 -21.48 15.10
N LEU B 37 39.38 -21.67 14.01
CA LEU B 37 39.09 -22.78 13.10
C LEU B 37 39.61 -24.07 13.71
N GLU B 38 38.75 -25.08 13.80
CA GLU B 38 39.15 -26.36 14.40
C GLU B 38 40.29 -26.98 13.60
N ASN B 39 40.28 -26.70 12.30
CA ASN B 39 41.31 -27.22 11.40
C ASN B 39 41.80 -26.11 10.47
N PRO B 40 42.78 -25.32 10.92
CA PRO B 40 43.32 -24.20 10.15
C PRO B 40 43.92 -24.59 8.79
N GLU B 41 44.50 -25.78 8.69
CA GLU B 41 45.09 -26.25 7.43
C GLU B 41 44.02 -26.49 6.34
N ASP B 42 42.96 -27.19 6.74
CA ASP B 42 41.80 -27.40 5.87
C ASP B 42 40.55 -27.10 6.66
N PRO B 43 40.13 -25.83 6.64
CA PRO B 43 39.02 -25.35 7.48
C PRO B 43 37.78 -26.12 7.15
N PHE B 44 37.66 -26.47 5.88
CA PHE B 44 36.49 -27.18 5.39
C PHE B 44 36.38 -28.59 5.97
N SER B 45 37.40 -29.01 6.71
CA SER B 45 37.40 -30.31 7.40
C SER B 45 37.05 -30.23 8.88
N GLY B 46 36.69 -29.04 9.35
CA GLY B 46 36.46 -28.84 10.76
C GLY B 46 35.46 -27.72 11.01
N GLY B 47 35.17 -27.47 12.29
CA GLY B 47 34.19 -26.44 12.66
C GLY B 47 34.82 -25.11 13.01
N LEU B 48 34.01 -24.20 13.53
CA LEU B 48 34.49 -22.89 13.93
C LEU B 48 34.09 -22.69 15.38
N GLU B 49 35.07 -22.56 16.25
CA GLU B 49 34.81 -22.49 17.69
C GLU B 49 34.86 -21.06 18.18
N ILE B 50 34.22 -20.80 19.31
CA ILE B 50 34.33 -19.51 19.99
C ILE B 50 35.03 -19.75 21.30
N GLU B 51 36.04 -18.94 21.58
CA GLU B 51 36.71 -18.96 22.87
C GLU B 51 36.67 -17.58 23.50
N ALA B 52 36.01 -17.46 24.66
CA ALA B 52 35.83 -16.17 25.27
C ALA B 52 36.41 -16.06 26.69
N LYS B 53 36.96 -14.88 26.98
CA LYS B 53 37.44 -14.54 28.31
C LYS B 53 36.68 -13.30 28.73
N PRO B 54 35.50 -13.48 29.33
CA PRO B 54 34.62 -12.36 29.72
C PRO B 54 35.33 -11.31 30.58
N ALA B 55 36.26 -11.74 31.42
CA ALA B 55 37.00 -10.81 32.28
C ALA B 55 38.44 -10.55 31.82
N GLY B 56 38.80 -11.08 30.65
CA GLY B 56 40.04 -10.71 30.00
C GLY B 56 41.19 -11.69 30.20
N LYS B 57 41.18 -12.39 31.33
CA LYS B 57 42.11 -13.47 31.55
C LYS B 57 41.29 -14.66 32.03
N ASP B 58 41.63 -15.84 31.53
CA ASP B 58 40.87 -17.06 31.84
C ASP B 58 39.66 -17.23 30.94
N VAL B 59 39.70 -18.27 30.12
CA VAL B 59 38.59 -18.62 29.26
C VAL B 59 37.43 -19.14 30.11
N LYS B 60 36.22 -18.78 29.72
CA LYS B 60 35.02 -19.32 30.33
C LYS B 60 34.30 -20.17 29.28
N ARG B 61 34.22 -21.47 29.50
CA ARG B 61 33.50 -22.33 28.56
C ARG B 61 32.05 -21.88 28.41
N ILE B 62 31.51 -22.05 27.20
CA ILE B 62 30.16 -21.60 26.88
C ILE B 62 29.13 -22.14 27.87
N GLU B 63 29.25 -23.43 28.19
CA GLU B 63 28.31 -24.09 29.10
C GLU B 63 28.30 -23.45 30.50
N ALA B 64 29.39 -22.79 30.86
CA ALA B 64 29.49 -22.18 32.17
C ALA B 64 29.12 -20.69 32.14
N SER B 66 26.83 -17.32 31.86
CA SER B 66 25.51 -16.83 32.23
C SER B 66 24.70 -16.52 30.98
N GLY B 67 23.40 -16.30 31.17
CA GLY B 67 22.53 -15.95 30.06
C GLY B 67 23.04 -14.70 29.36
N GLY B 68 23.43 -13.71 30.17
CA GLY B 68 23.95 -12.46 29.65
C GLY B 68 25.23 -12.66 28.86
N GLU B 69 26.14 -13.46 29.40
CA GLU B 69 27.40 -13.74 28.71
C GLU B 69 27.15 -14.43 27.37
N LYS B 70 26.23 -15.39 27.34
CA LYS B 70 25.89 -16.07 26.09
C LYS B 70 25.33 -15.10 25.05
N ALA B 71 24.46 -14.18 25.50
CA ALA B 71 23.82 -13.22 24.59
C ALA B 71 24.86 -12.29 24.01
N LEU B 72 25.75 -11.79 24.86
CA LEU B 72 26.80 -10.88 24.38
C LEU B 72 27.74 -11.55 23.39
N THR B 73 28.05 -12.81 23.66
CA THR B 73 28.92 -13.55 22.76
C THR B 73 28.26 -13.74 21.40
N ALA B 74 26.99 -14.13 21.41
CA ALA B 74 26.18 -14.32 20.20
C ALA B 74 26.04 -13.00 19.45
N LEU B 75 25.80 -11.92 20.18
CA LEU B 75 25.64 -10.62 19.54
C LEU B 75 26.94 -10.15 18.86
N ALA B 76 28.06 -10.39 19.51
CA ALA B 76 29.35 -10.03 18.93
C ALA B 76 29.56 -10.78 17.63
N PHE B 77 29.10 -12.03 17.57
CA PHE B 77 29.22 -12.81 16.35
C PHE B 77 28.33 -12.28 15.23
N VAL B 78 27.08 -12.00 15.54
CA VAL B 78 26.13 -11.47 14.54
C VAL B 78 26.68 -10.17 13.95
N PHE B 79 27.11 -9.29 14.85
CA PHE B 79 27.64 -8.00 14.41
C PHE B 79 28.97 -8.07 13.68
N ALA B 80 29.77 -9.10 13.97
CA ALA B 80 31.04 -9.33 13.26
C ALA B 80 30.76 -9.64 11.79
N ILE B 81 29.73 -10.46 11.56
CA ILE B 81 29.28 -10.73 10.22
C ILE B 81 28.71 -9.47 9.58
N GLN B 82 27.86 -8.76 10.31
CA GLN B 82 27.19 -7.59 9.75
C GLN B 82 28.21 -6.57 9.25
N LYS B 83 29.28 -6.39 10.02
CA LYS B 83 30.30 -5.40 9.65
C LYS B 83 30.97 -5.77 8.33
N PHE B 84 31.20 -7.07 8.14
CA PHE B 84 31.85 -7.56 6.93
C PHE B 84 30.91 -7.53 5.72
N LYS B 85 29.67 -7.95 5.94
CA LYS B 85 28.68 -8.00 4.88
C LYS B 85 27.30 -7.60 5.42
N PRO B 86 26.97 -6.32 5.34
CA PRO B 86 25.72 -5.87 5.96
C PRO B 86 24.51 -6.52 5.29
N ALA B 87 23.66 -7.19 6.06
CA ALA B 87 22.44 -7.77 5.50
C ALA B 87 21.42 -6.64 5.27
N PRO B 88 20.44 -6.89 4.39
CA PRO B 88 19.45 -5.84 4.14
C PRO B 88 18.77 -5.38 5.44
N PHE B 89 18.33 -6.34 6.26
CA PHE B 89 17.70 -5.98 7.54
C PHE B 89 17.95 -7.04 8.60
N TYR B 90 17.84 -6.63 9.86
CA TYR B 90 17.94 -7.53 11.01
C TYR B 90 16.65 -7.36 11.79
N LEU B 91 16.13 -8.48 12.29
CA LEU B 91 14.95 -8.47 13.14
C LEU B 91 15.35 -9.09 14.45
N PHE B 92 15.28 -8.32 15.52
CA PHE B 92 15.71 -8.78 16.84
C PHE B 92 14.51 -8.68 17.78
N ASP B 93 14.11 -9.80 18.37
CA ASP B 93 12.97 -9.81 19.30
C ASP B 93 13.40 -10.04 20.76
N GLU B 94 13.42 -8.97 21.55
CA GLU B 94 13.81 -9.02 22.96
C GLU B 94 15.16 -9.72 23.19
N ILE B 95 16.16 -9.28 22.42
CA ILE B 95 17.50 -9.85 22.48
C ILE B 95 18.24 -9.34 23.70
N ASP B 96 17.66 -8.35 24.38
CA ASP B 96 18.29 -7.72 25.53
C ASP B 96 17.90 -8.37 26.85
N ALA B 97 17.11 -9.45 26.78
CA ALA B 97 16.79 -10.19 28.00
C ALA B 97 18.07 -10.64 28.72
N HIS B 98 18.06 -10.57 30.04
CA HIS B 98 19.17 -11.08 30.84
C HIS B 98 20.42 -10.19 30.80
N LEU B 99 20.31 -9.02 30.19
CA LEU B 99 21.43 -8.09 30.18
C LEU B 99 21.11 -6.86 31.03
N ASP B 100 22.10 -6.38 31.77
CA ASP B 100 21.86 -5.19 32.57
C ASP B 100 21.89 -3.93 31.70
N ASP B 101 21.52 -2.78 32.26
CA ASP B 101 21.46 -1.56 31.46
C ASP B 101 22.79 -1.20 30.79
N ALA B 102 23.91 -1.42 31.49
CA ALA B 102 25.21 -1.05 30.95
C ALA B 102 25.47 -1.80 29.66
N ASN B 103 25.17 -3.08 29.67
CA ASN B 103 25.38 -3.91 28.48
C ASN B 103 24.37 -3.65 27.37
N VAL B 104 23.11 -3.47 27.73
CA VAL B 104 22.11 -3.10 26.73
C VAL B 104 22.49 -1.80 26.01
N LYS B 105 22.96 -0.79 26.75
CA LYS B 105 23.38 0.45 26.10
C LYS B 105 24.47 0.22 25.06
N ARG B 106 25.43 -0.64 25.39
CA ARG B 106 26.53 -0.89 24.46
C ARG B 106 26.00 -1.59 23.21
N VAL B 107 25.04 -2.49 23.41
CA VAL B 107 24.40 -3.14 22.26
C VAL B 107 23.63 -2.12 21.41
N ALA B 108 22.87 -1.24 22.06
CA ALA B 108 22.12 -0.21 21.38
C ALA B 108 23.04 0.74 20.58
N ASP B 109 24.19 1.08 21.16
CA ASP B 109 25.15 1.91 20.45
C ASP B 109 25.68 1.20 19.20
N LEU B 110 25.91 -0.10 19.30
CA LEU B 110 26.39 -0.88 18.16
C LEU B 110 25.29 -0.97 17.09
N ILE B 111 24.05 -1.12 17.50
CA ILE B 111 22.93 -1.08 16.54
C ILE B 111 22.86 0.27 15.83
N LYS B 112 22.96 1.37 16.58
CA LYS B 112 22.91 2.71 15.99
C LYS B 112 24.01 2.88 14.92
N GLU B 113 25.24 2.51 15.25
CA GLU B 113 26.35 2.61 14.30
C GLU B 113 26.10 1.72 13.08
N SER B 114 25.67 0.49 13.34
CA SER B 114 25.45 -0.48 12.26
C SER B 114 24.30 -0.08 11.35
N SER B 115 23.37 0.71 11.87
CA SER B 115 22.18 1.10 11.11
C SER B 115 22.52 2.05 9.96
N LYS B 116 23.75 2.51 9.89
CA LYS B 116 24.19 3.25 8.71
C LYS B 116 24.23 2.36 7.46
N GLU B 117 24.37 1.05 7.66
CA GLU B 117 24.58 0.10 6.56
C GLU B 117 23.50 -0.97 6.44
N SER B 118 22.75 -1.21 7.51
CA SER B 118 21.64 -2.17 7.49
C SER B 118 20.44 -1.60 8.24
N GLN B 119 19.25 -2.09 7.91
CA GLN B 119 18.03 -1.76 8.64
C GLN B 119 17.93 -2.67 9.87
N PHE B 120 17.51 -2.10 11.00
CA PHE B 120 17.28 -2.87 12.22
C PHE B 120 15.87 -2.67 12.73
N ILE B 121 15.19 -3.77 13.01
CA ILE B 121 13.86 -3.72 13.61
C ILE B 121 13.96 -4.49 14.91
N VAL B 122 13.72 -3.78 16.03
CA VAL B 122 14.04 -4.36 17.33
C VAL B 122 12.83 -4.24 18.25
N ILE B 123 12.35 -5.39 18.73
CA ILE B 123 11.30 -5.40 19.73
C ILE B 123 11.94 -5.39 21.11
N THR B 124 11.50 -4.49 21.98
CA THR B 124 12.18 -4.31 23.28
C THR B 124 11.28 -3.69 24.34
N LEU B 125 11.55 -4.05 25.60
CA LEU B 125 10.87 -3.44 26.75
C LEU B 125 11.84 -2.52 27.49
N ARG B 126 13.04 -2.34 26.93
CA ARG B 126 14.11 -1.63 27.63
C ARG B 126 14.32 -0.20 27.12
N ASP B 127 14.10 0.77 28.02
CA ASP B 127 14.35 2.16 27.70
C ASP B 127 15.74 2.43 27.10
N VAL B 128 16.78 1.82 27.66
CA VAL B 128 18.14 2.09 27.19
C VAL B 128 18.39 1.49 25.81
N ALA B 131 16.00 4.29 23.28
CA ALA B 131 16.08 5.75 23.42
C ALA B 131 16.52 6.49 22.17
N ASN B 132 17.47 5.91 21.42
CA ASN B 132 18.00 6.53 20.23
C ASN B 132 17.53 5.91 18.92
N ALA B 133 16.40 5.20 18.97
CA ALA B 133 15.82 4.67 17.73
C ALA B 133 15.42 5.81 16.81
N ASP B 134 15.46 5.58 15.50
CA ASP B 134 15.03 6.61 14.55
C ASP B 134 13.52 6.78 14.55
N LYS B 135 12.82 5.66 14.70
CA LYS B 135 11.37 5.63 14.79
C LYS B 135 10.93 4.64 15.87
N ILE B 136 9.76 4.90 16.45
CA ILE B 136 9.21 4.02 17.47
C ILE B 136 7.78 3.63 17.09
N ILE B 137 7.51 2.33 17.10
CA ILE B 137 6.19 1.80 16.85
C ILE B 137 5.62 1.31 18.17
N GLY B 138 4.40 1.73 18.49
CA GLY B 138 3.75 1.28 19.70
C GLY B 138 2.70 0.23 19.38
N VAL B 139 2.72 -0.89 20.10
CA VAL B 139 1.72 -1.93 19.95
C VAL B 139 0.84 -2.00 21.21
N SER B 140 -0.47 -2.14 21.02
CA SER B 140 -1.36 -2.33 22.16
C SER B 140 -2.52 -3.23 21.77
N ARG B 142 -6.59 -4.23 22.43
CA ARG B 142 -7.89 -3.89 23.00
C ARG B 142 -8.93 -4.85 22.45
N ASP B 143 -9.77 -5.37 23.33
CA ASP B 143 -10.83 -6.29 22.92
C ASP B 143 -10.29 -7.41 22.03
N GLY B 144 -9.11 -7.90 22.37
CA GLY B 144 -8.50 -9.03 21.69
C GLY B 144 -7.75 -8.71 20.40
N VAL B 145 -7.71 -7.43 20.02
CA VAL B 145 -7.14 -7.02 18.74
C VAL B 145 -5.92 -6.10 18.92
N SER B 146 -4.84 -6.40 18.21
CA SER B 146 -3.63 -5.58 18.27
C SER B 146 -3.77 -4.40 17.34
N LYS B 147 -3.17 -3.28 17.71
CA LYS B 147 -3.07 -2.14 16.80
C LYS B 147 -1.73 -1.45 16.99
N VAL B 148 -1.25 -0.81 15.93
CA VAL B 148 0.00 -0.08 16.02
C VAL B 148 -0.21 1.41 15.86
N VAL B 149 0.65 2.18 16.50
CA VAL B 149 0.70 3.61 16.30
C VAL B 149 2.17 4.00 16.25
N SER B 150 2.44 5.19 15.72
CA SER B 150 3.76 5.79 15.83
C SER B 150 3.82 6.51 17.18
N LEU B 151 4.95 6.40 17.87
CA LEU B 151 5.11 7.03 19.18
C LEU B 151 6.27 7.99 19.20
N SER B 152 6.08 9.10 19.93
CA SER B 152 7.20 9.96 20.30
C SER B 152 7.95 9.30 21.45
N LEU B 153 9.17 9.77 21.70
CA LEU B 153 9.97 9.25 22.80
C LEU B 153 9.27 9.44 24.16
N GLU B 154 8.71 10.62 24.37
CA GLU B 154 8.05 10.89 25.66
C GLU B 154 6.92 9.91 25.91
N LYS B 155 6.14 9.62 24.87
CA LYS B 155 5.02 8.69 25.01
C LYS B 155 5.53 7.26 25.22
N ALA B 156 6.55 6.89 24.46
CA ALA B 156 7.10 5.53 24.58
C ALA B 156 7.66 5.31 25.98
N LYS B 158 6.66 6.66 28.84
CA LYS B 158 5.55 6.44 29.75
C LYS B 158 5.06 5.00 29.63
N ILE B 159 4.98 4.51 28.40
CA ILE B 159 4.52 3.16 28.16
C ILE B 159 5.43 2.13 28.80
N LEU B 160 6.74 2.36 28.70
CA LEU B 160 7.71 1.43 29.27
C LEU B 160 7.70 1.53 30.78
N GLU B 161 7.46 2.72 31.32
CA GLU B 161 7.40 2.89 32.76
C GLU B 161 6.29 2.03 33.34
N GLU B 162 5.14 1.99 32.66
CA GLU B 162 3.99 1.21 33.10
C GLU B 162 4.27 -0.29 33.03
N ILE B 163 5.00 -0.70 32.00
CA ILE B 163 5.37 -2.10 31.84
C ILE B 163 6.34 -2.57 32.94
N ARG B 164 7.35 -1.75 33.24
CA ARG B 164 8.37 -2.13 34.21
C ARG B 164 7.80 -2.21 35.62
N LYS B 165 6.63 -1.63 35.83
CA LYS B 165 6.00 -1.63 37.15
C LYS B 165 5.45 -3.00 37.54
N LYS B 166 5.16 -3.82 36.54
CA LYS B 166 4.49 -5.10 36.77
C LYS B 166 5.50 -6.22 37.01
N GLN B 167 5.17 -7.10 37.94
CA GLN B 167 6.05 -8.21 38.31
C GLN B 167 6.29 -9.11 37.09
N GLY B 168 7.55 -9.43 36.82
CA GLY B 168 7.86 -10.42 35.79
C GLY B 168 7.80 -9.93 34.35
N TRP B 169 7.85 -8.61 34.16
CA TRP B 169 7.79 -8.03 32.83
C TRP B 169 8.79 -8.66 31.85
N GLU B 170 9.96 -9.05 32.34
CA GLU B 170 11.05 -9.53 31.48
C GLU B 170 10.74 -10.85 30.79
N HIS B 171 11.26 -11.00 29.58
CA HIS B 171 11.15 -12.25 28.84
C HIS B 171 11.64 -13.42 29.68
N GLY B 172 10.95 -14.55 29.60
CA GLY B 172 11.38 -15.76 30.25
C GLY B 172 10.70 -16.05 31.57
N ASN B 173 9.87 -15.11 32.03
CA ASN B 173 9.18 -15.27 33.31
C ASN B 173 7.90 -16.06 33.21
N PRO C 2 -19.36 -0.94 -5.29
CA PRO C 2 -17.94 -0.85 -4.95
C PRO C 2 -17.51 0.59 -5.02
N TYR C 3 -16.28 0.88 -4.62
CA TYR C 3 -15.77 2.25 -4.79
C TYR C 3 -14.26 2.22 -4.97
N ILE C 4 -13.71 3.33 -5.43
CA ILE C 4 -12.27 3.41 -5.65
C ILE C 4 -11.56 3.73 -4.33
N GLU C 5 -10.73 2.80 -3.84
CA GLU C 5 -9.99 3.05 -2.61
C GLU C 5 -8.77 3.90 -2.90
N LYS C 6 -8.08 3.58 -3.99
CA LYS C 6 -6.90 4.36 -4.37
C LYS C 6 -6.47 4.07 -5.80
N LEU C 7 -5.66 4.99 -6.33
CA LEU C 7 -5.00 4.87 -7.62
C LEU C 7 -3.49 4.89 -7.37
N GLU C 8 -2.75 4.12 -8.15
CA GLU C 8 -1.30 4.22 -8.19
C GLU C 8 -0.87 4.55 -9.62
N LEU C 9 -0.06 5.60 -9.74
CA LEU C 9 0.46 6.03 -11.04
C LEU C 9 1.97 5.91 -11.08
N LYS C 10 2.48 5.35 -12.17
CA LYS C 10 3.91 5.24 -12.37
C LYS C 10 4.22 5.63 -13.81
N GLY C 11 4.93 6.73 -14.01
CA GLY C 11 5.30 7.13 -15.36
C GLY C 11 4.13 7.66 -16.18
N PHE C 12 3.06 8.06 -15.51
CA PHE C 12 1.85 8.45 -16.23
C PHE C 12 1.73 9.96 -16.31
N LYS C 13 1.73 10.47 -17.55
CA LYS C 13 1.67 11.90 -17.82
C LYS C 13 2.60 12.70 -16.88
N SER C 14 2.07 13.65 -16.11
CA SER C 14 2.92 14.52 -15.30
C SER C 14 3.40 13.92 -13.97
N TYR C 15 3.05 12.67 -13.69
CA TYR C 15 3.32 12.12 -12.36
C TYR C 15 4.72 11.56 -12.10
N GLY C 16 5.58 11.61 -13.11
CA GLY C 16 6.99 11.26 -12.93
C GLY C 16 7.22 9.76 -12.89
N ASN C 17 8.45 9.37 -12.53
CA ASN C 17 8.85 7.96 -12.47
C ASN C 17 8.68 7.32 -11.09
N LYS C 18 8.45 8.13 -10.06
CA LYS C 18 8.26 7.60 -8.72
C LYS C 18 6.78 7.28 -8.51
N LYS C 19 6.48 6.06 -8.06
CA LYS C 19 5.09 5.64 -7.85
C LYS C 19 4.33 6.62 -6.97
N VAL C 20 3.20 7.12 -7.47
CA VAL C 20 2.38 8.06 -6.72
C VAL C 20 1.08 7.39 -6.32
N VAL C 21 0.77 7.43 -5.02
CA VAL C 21 -0.45 6.83 -4.49
C VAL C 21 -1.48 7.91 -4.17
N ILE C 22 -2.70 7.72 -4.68
CA ILE C 22 -3.76 8.71 -4.54
C ILE C 22 -5.00 8.05 -3.94
N PRO C 23 -5.24 8.28 -2.65
CA PRO C 23 -6.40 7.70 -1.96
C PRO C 23 -7.64 8.57 -2.06
N PHE C 24 -8.81 7.93 -2.04
CA PHE C 24 -10.08 8.64 -2.11
C PHE C 24 -11.00 8.25 -0.97
N SER C 25 -11.85 9.18 -0.55
CA SER C 25 -12.94 8.86 0.37
C SER C 25 -13.95 7.95 -0.32
N LYS C 26 -14.54 7.02 0.42
CA LYS C 26 -15.70 6.28 -0.07
C LYS C 26 -16.84 7.23 -0.50
N GLY C 27 -16.85 8.43 0.07
CA GLY C 27 -17.88 9.41 -0.21
C GLY C 27 -17.47 10.47 -1.21
N PHE C 28 -17.29 11.69 -0.73
CA PHE C 28 -17.05 12.86 -1.59
C PHE C 28 -15.64 13.41 -1.39
N THR C 29 -14.80 13.26 -2.41
CA THR C 29 -13.45 13.81 -2.39
C THR C 29 -13.35 14.97 -3.35
N ALA C 30 -12.79 16.09 -2.90
CA ALA C 30 -12.51 17.21 -3.76
C ALA C 30 -11.02 17.23 -4.10
N ILE C 31 -10.69 17.53 -5.35
CA ILE C 31 -9.29 17.65 -5.75
C ILE C 31 -9.03 19.09 -6.13
N VAL C 32 -8.01 19.70 -5.51
CA VAL C 32 -7.69 21.11 -5.76
C VAL C 32 -6.22 21.28 -6.14
N GLY C 33 -5.89 22.42 -6.74
CA GLY C 33 -4.53 22.69 -7.15
C GLY C 33 -4.47 23.72 -8.25
N ALA C 34 -3.31 24.34 -8.44
CA ALA C 34 -3.15 25.38 -9.44
C ALA C 34 -3.43 24.87 -10.85
N ASN C 35 -3.79 25.79 -11.74
CA ASN C 35 -3.90 25.44 -13.15
C ASN C 35 -2.58 24.83 -13.62
N GLY C 36 -2.68 23.72 -14.35
CA GLY C 36 -1.53 23.04 -14.90
C GLY C 36 -0.76 22.18 -13.91
N SER C 37 -1.33 21.93 -12.73
CA SER C 37 -0.59 21.19 -11.71
C SER C 37 -0.67 19.66 -11.83
N GLY C 38 -1.70 19.16 -12.52
CA GLY C 38 -1.87 17.73 -12.71
C GLY C 38 -3.23 17.16 -12.32
N LYS C 39 -4.22 18.02 -12.13
CA LYS C 39 -5.52 17.56 -11.63
C LYS C 39 -6.28 16.70 -12.65
N SER C 40 -6.49 17.23 -13.85
CA SER C 40 -7.18 16.45 -14.87
C SER C 40 -6.43 15.19 -15.24
N ASN C 41 -5.11 15.21 -15.10
CA ASN C 41 -4.32 14.03 -15.42
C ASN C 41 -4.73 12.85 -14.53
N ILE C 42 -5.22 13.13 -13.32
CA ILE C 42 -5.74 12.06 -12.47
C ILE C 42 -6.96 11.40 -13.12
N GLY C 43 -7.86 12.22 -13.65
CA GLY C 43 -9.00 11.73 -14.40
C GLY C 43 -8.57 10.90 -15.59
N ASP C 44 -7.51 11.33 -16.26
CA ASP C 44 -7.03 10.59 -17.43
C ASP C 44 -6.48 9.24 -17.03
N ALA C 45 -5.85 9.17 -15.84
CA ALA C 45 -5.34 7.89 -15.34
C ALA C 45 -6.51 6.90 -15.15
N ILE C 46 -7.64 7.40 -14.65
CA ILE C 46 -8.81 6.56 -14.47
C ILE C 46 -9.34 6.09 -15.83
N LEU C 47 -9.47 7.02 -16.77
CA LEU C 47 -9.91 6.65 -18.13
C LEU C 47 -9.01 5.57 -18.70
N PHE C 48 -7.71 5.76 -18.55
CA PHE C 48 -6.70 4.83 -19.05
C PHE C 48 -6.84 3.44 -18.44
N VAL C 49 -6.87 3.35 -17.11
CA VAL C 49 -6.85 2.04 -16.47
C VAL C 49 -8.17 1.27 -16.70
N LEU C 50 -9.25 1.99 -16.97
CA LEU C 50 -10.54 1.37 -17.21
C LEU C 50 -10.70 0.99 -18.68
N GLY C 51 -9.63 1.15 -19.45
CA GLY C 51 -9.59 0.63 -20.81
C GLY C 51 -9.89 1.66 -21.87
N GLY C 52 -9.74 2.93 -21.53
CA GLY C 52 -10.05 3.99 -22.47
C GLY C 52 -9.23 3.88 -23.76
N LEU C 53 -9.89 4.13 -24.88
CA LEU C 53 -9.23 4.11 -26.19
C LEU C 53 -9.28 5.48 -26.84
N SER C 54 -10.10 6.36 -26.30
CA SER C 54 -10.32 7.67 -26.91
C SER C 54 -9.16 8.66 -26.73
N ALA C 55 -8.33 8.74 -27.75
CA ALA C 55 -7.26 9.74 -27.80
C ALA C 55 -7.78 11.13 -27.44
N LYS C 56 -8.89 11.51 -28.04
CA LYS C 56 -9.47 12.82 -27.80
C LYS C 56 -9.77 13.03 -26.31
N ALA C 57 -10.52 12.10 -25.72
CA ALA C 57 -10.94 12.21 -24.33
C ALA C 57 -9.74 12.36 -23.41
N ARG C 59 -6.81 13.53 -24.23
CA ARG C 59 -5.91 14.58 -24.71
C ARG C 59 -4.57 14.03 -25.16
N ALA C 60 -4.62 12.94 -25.91
CA ALA C 60 -3.40 12.35 -26.47
C ALA C 60 -3.57 12.15 -27.97
N SER C 61 -2.54 12.46 -28.74
CA SER C 61 -2.58 12.15 -30.16
C SER C 61 -1.71 10.93 -30.42
N ARG C 62 -0.83 10.63 -29.46
CA ARG C 62 0.06 9.49 -29.52
C ARG C 62 0.39 8.98 -28.12
N ILE C 63 1.03 7.82 -28.05
CA ILE C 63 1.34 7.18 -26.77
C ILE C 63 2.34 7.99 -25.93
N SER C 64 3.25 8.70 -26.58
CA SER C 64 4.22 9.49 -25.83
C SER C 64 3.52 10.57 -25.01
N ASP C 65 2.26 10.85 -25.34
CA ASP C 65 1.49 11.81 -24.56
C ASP C 65 1.10 11.21 -23.21
N LEU C 66 0.90 9.90 -23.18
CA LEU C 66 0.52 9.28 -21.90
C LEU C 66 1.74 8.97 -21.04
N ILE C 67 2.89 8.78 -21.67
CA ILE C 67 4.07 8.42 -20.90
C ILE C 67 4.86 9.67 -20.49
N PHE C 68 5.18 9.74 -19.20
CA PHE C 68 5.97 10.85 -18.64
C PHE C 68 7.17 11.18 -19.52
N ALA C 69 7.28 12.44 -19.91
CA ALA C 69 8.34 12.87 -20.82
C ALA C 69 9.26 13.90 -20.14
N PRO C 75 16.97 9.55 -20.30
CA PRO C 75 16.52 8.41 -19.49
C PRO C 75 15.01 8.28 -19.54
N PRO C 76 14.47 7.89 -20.70
CA PRO C 76 13.01 7.91 -20.88
C PRO C 76 12.33 6.91 -19.96
N ALA C 77 11.17 7.28 -19.40
CA ALA C 77 10.34 6.32 -18.68
C ALA C 77 10.09 5.14 -19.59
N LYS C 78 10.17 3.93 -19.05
CA LYS C 78 10.08 2.73 -19.86
C LYS C 78 8.64 2.40 -20.24
N TYR C 79 7.71 2.88 -19.45
CA TYR C 79 6.30 2.55 -19.63
C TYR C 79 5.50 3.51 -18.76
N ALA C 80 4.20 3.59 -19.02
CA ALA C 80 3.30 4.22 -18.06
C ALA C 80 2.41 3.13 -17.48
N GLU C 81 2.21 3.16 -16.17
CA GLU C 81 1.33 2.17 -15.56
C GLU C 81 0.40 2.81 -14.55
N VAL C 82 -0.87 2.40 -14.58
CA VAL C 82 -1.85 2.81 -13.57
C VAL C 82 -2.44 1.56 -12.94
N ALA C 83 -2.55 1.56 -11.61
CA ALA C 83 -3.30 0.50 -10.92
C ALA C 83 -4.45 1.14 -10.16
N ILE C 84 -5.64 0.58 -10.30
CA ILE C 84 -6.80 1.07 -9.57
C ILE C 84 -7.28 -0.01 -8.60
N TYR C 85 -7.54 0.40 -7.37
CA TYR C 85 -7.94 -0.54 -6.33
C TYR C 85 -9.38 -0.25 -5.95
N PHE C 86 -10.27 -1.20 -6.20
CA PHE C 86 -11.68 -1.06 -5.82
C PHE C 86 -11.99 -1.83 -4.55
N ASN C 87 -12.64 -1.18 -3.61
CA ASN C 87 -13.25 -1.92 -2.50
C ASN C 87 -14.49 -2.65 -3.02
N ASN C 88 -14.50 -3.98 -2.88
CA ASN C 88 -15.59 -4.82 -3.37
C ASN C 88 -16.28 -5.58 -2.24
N GLU C 89 -16.24 -5.01 -1.04
CA GLU C 89 -16.93 -5.64 0.08
C GLU C 89 -18.42 -5.83 -0.22
N ASP C 90 -19.00 -4.94 -1.02
CA ASP C 90 -20.41 -5.05 -1.39
C ASP C 90 -20.68 -6.02 -2.53
N ARG C 91 -19.61 -6.60 -3.07
CA ARG C 91 -19.69 -7.58 -4.15
C ARG C 91 -20.41 -7.05 -5.39
N GLY C 92 -20.27 -5.75 -5.64
CA GLY C 92 -20.72 -5.16 -6.89
C GLY C 92 -20.00 -5.78 -8.08
N PHE C 93 -18.71 -6.08 -7.93
CA PHE C 93 -17.98 -6.81 -8.94
C PHE C 93 -18.27 -8.30 -8.79
N PRO C 94 -18.44 -9.00 -9.91
CA PRO C 94 -18.72 -10.43 -9.88
C PRO C 94 -17.43 -11.22 -9.62
N ILE C 95 -16.76 -10.90 -8.52
CA ILE C 95 -15.55 -11.56 -8.08
C ILE C 95 -15.66 -11.74 -6.58
N ASP C 96 -15.33 -12.93 -6.06
CA ASP C 96 -15.43 -13.18 -4.63
C ASP C 96 -14.19 -12.68 -3.91
N GLU C 97 -13.98 -11.36 -3.95
CA GLU C 97 -12.81 -10.74 -3.36
C GLU C 97 -13.18 -9.39 -2.77
N ASP C 98 -12.67 -9.09 -1.58
CA ASP C 98 -12.86 -7.77 -0.98
C ASP C 98 -12.20 -6.64 -1.73
N GLU C 99 -11.12 -6.94 -2.45
CA GLU C 99 -10.44 -5.91 -3.23
C GLU C 99 -10.30 -6.41 -4.66
N VAL C 100 -10.61 -5.52 -5.60
CA VAL C 100 -10.44 -5.81 -7.00
C VAL C 100 -9.44 -4.81 -7.55
N VAL C 101 -8.34 -5.35 -8.08
CA VAL C 101 -7.25 -4.51 -8.55
C VAL C 101 -7.11 -4.67 -10.04
N ILE C 102 -7.19 -3.55 -10.75
CA ILE C 102 -7.01 -3.59 -12.20
C ILE C 102 -5.78 -2.76 -12.52
N ARG C 103 -4.87 -3.32 -13.32
CA ARG C 103 -3.60 -2.67 -13.61
C ARG C 103 -3.43 -2.62 -15.12
N ARG C 104 -3.08 -1.45 -15.64
CA ARG C 104 -2.77 -1.33 -17.07
C ARG C 104 -1.39 -0.71 -17.27
N ARG C 105 -0.60 -1.34 -18.14
CA ARG C 105 0.71 -0.79 -18.46
C ARG C 105 0.80 -0.56 -19.95
N VAL C 106 1.29 0.60 -20.35
CA VAL C 106 1.50 0.84 -21.77
C VAL C 106 2.97 1.15 -22.08
N TYR C 107 3.44 0.64 -23.22
CA TYR C 107 4.83 0.87 -23.63
C TYR C 107 4.89 1.88 -24.76
N PRO C 108 6.08 2.45 -24.99
CA PRO C 108 6.24 3.49 -26.02
C PRO C 108 5.80 3.03 -27.41
N ASP C 109 5.72 1.72 -27.65
CA ASP C 109 5.27 1.23 -28.95
C ASP C 109 3.75 1.26 -29.03
N GLY C 110 3.11 1.55 -27.91
CA GLY C 110 1.68 1.74 -27.89
C GLY C 110 0.88 0.53 -27.46
N ARG C 111 1.56 -0.58 -27.20
CA ARG C 111 0.87 -1.81 -26.80
C ARG C 111 0.67 -1.87 -25.29
N SER C 112 -0.50 -2.35 -24.86
CA SER C 112 -0.83 -2.39 -23.44
C SER C 112 -0.99 -3.81 -22.89
N SER C 113 -0.64 -3.99 -21.62
CA SER C 113 -0.93 -5.20 -20.88
C SER C 113 -1.91 -4.87 -19.76
N TYR C 114 -2.78 -5.82 -19.43
CA TYR C 114 -3.74 -5.63 -18.34
C TYR C 114 -3.60 -6.76 -17.34
N TRP C 115 -3.93 -6.49 -16.08
CA TRP C 115 -3.97 -7.52 -15.07
C TRP C 115 -5.21 -7.30 -14.22
N LEU C 116 -5.82 -8.40 -13.79
CA LEU C 116 -6.96 -8.39 -12.91
C LEU C 116 -6.63 -9.23 -11.67
N ASN C 117 -6.56 -8.59 -10.50
CA ASN C 117 -6.08 -9.25 -9.28
C ASN C 117 -4.80 -10.06 -9.48
N GLY C 118 -3.91 -9.52 -10.31
CA GLY C 118 -2.61 -10.08 -10.54
C GLY C 118 -2.54 -11.14 -11.64
N ARG C 119 -3.68 -11.46 -12.25
CA ARG C 119 -3.68 -12.39 -13.39
C ARG C 119 -3.71 -11.62 -14.69
N ARG C 120 -2.89 -12.04 -15.64
CA ARG C 120 -2.86 -11.39 -16.95
C ARG C 120 -4.27 -11.43 -17.53
N ALA C 121 -4.72 -10.29 -18.06
CA ALA C 121 -6.05 -10.18 -18.62
C ALA C 121 -5.98 -9.39 -19.93
N THR C 122 -7.08 -9.35 -20.66
CA THR C 122 -7.13 -8.54 -21.87
C THR C 122 -8.08 -7.37 -21.68
N ARG C 123 -7.99 -6.35 -22.53
CA ARG C 123 -8.92 -5.22 -22.41
C ARG C 123 -10.36 -5.72 -22.45
N SER C 124 -10.62 -6.70 -23.33
CA SER C 124 -11.93 -7.30 -23.43
C SER C 124 -12.47 -7.83 -22.11
N GLU C 125 -11.63 -8.56 -21.38
CA GLU C 125 -12.03 -9.13 -20.11
C GLU C 125 -12.29 -8.03 -19.08
N ILE C 126 -11.47 -7.00 -19.13
CA ILE C 126 -11.59 -5.89 -18.19
C ILE C 126 -12.91 -5.15 -18.42
N LEU C 127 -13.24 -4.86 -19.68
CA LEU C 127 -14.49 -4.18 -19.97
C LEU C 127 -15.70 -5.01 -19.54
N ASP C 128 -15.63 -6.32 -19.73
CA ASP C 128 -16.72 -7.21 -19.30
C ASP C 128 -16.96 -7.11 -17.79
N ILE C 129 -15.88 -7.17 -17.01
CA ILE C 129 -15.97 -7.10 -15.55
C ILE C 129 -16.50 -5.74 -15.08
N LEU C 130 -16.01 -4.67 -15.71
CA LEU C 130 -16.47 -3.33 -15.38
C LEU C 130 -17.94 -3.13 -15.71
N THR C 131 -18.34 -3.59 -16.89
CA THR C 131 -19.75 -3.52 -17.27
C THR C 131 -20.65 -4.23 -16.25
N ALA C 132 -20.22 -5.40 -15.78
CA ALA C 132 -20.99 -6.13 -14.77
C ALA C 132 -21.13 -5.32 -13.49
N ALA C 133 -20.13 -4.48 -13.21
CA ALA C 133 -20.13 -3.61 -12.04
C ALA C 133 -20.68 -2.20 -12.30
N ILE C 135 -19.71 0.02 -14.63
CA ILE C 135 -18.63 0.96 -14.95
C ILE C 135 -18.16 0.84 -16.41
N SER C 136 -17.78 1.97 -17.01
CA SER C 136 -17.17 1.98 -18.36
C SER C 136 -16.34 3.24 -18.56
N PRO C 137 -15.25 3.14 -19.33
CA PRO C 137 -14.42 4.33 -19.52
C PRO C 137 -15.16 5.47 -20.21
N ASP C 138 -16.22 5.16 -20.95
CA ASP C 138 -16.96 6.20 -21.66
C ASP C 138 -18.34 6.42 -21.05
N GLY C 139 -18.47 6.05 -19.78
CA GLY C 139 -19.75 6.15 -19.10
C GLY C 139 -20.23 7.56 -18.79
N TYR C 140 -21.54 7.70 -18.61
CA TYR C 140 -22.15 9.00 -18.34
C TYR C 140 -21.68 9.55 -17.00
N ASN C 141 -21.10 8.69 -16.18
CA ASN C 141 -20.76 9.04 -14.81
C ASN C 141 -19.42 9.74 -14.70
N ILE C 142 -18.72 9.85 -15.83
CA ILE C 142 -17.47 10.58 -15.91
C ILE C 142 -17.70 11.81 -16.77
N VAL C 143 -17.50 13.00 -16.20
CA VAL C 143 -17.66 14.23 -16.93
C VAL C 143 -16.33 14.98 -16.97
N LEU C 144 -15.69 14.98 -18.13
CA LEU C 144 -14.37 15.56 -18.32
C LEU C 144 -14.43 17.08 -18.39
N GLN C 145 -13.27 17.72 -18.21
CA GLN C 145 -13.20 19.19 -18.20
C GLN C 145 -13.77 19.77 -19.49
N GLY C 146 -14.68 20.72 -19.33
CA GLY C 146 -15.31 21.37 -20.47
C GLY C 146 -16.29 20.54 -21.27
N ASP C 147 -16.69 19.37 -20.75
CA ASP C 147 -17.52 18.44 -21.49
C ASP C 147 -18.93 18.21 -20.92
N ILE C 148 -19.36 19.03 -19.96
CA ILE C 148 -20.67 18.80 -19.37
C ILE C 148 -21.77 18.87 -20.44
N THR C 149 -21.51 19.61 -21.51
CA THR C 149 -22.49 19.77 -22.57
C THR C 149 -22.64 18.53 -23.43
N LYS C 150 -21.85 17.49 -23.18
CA LYS C 150 -22.03 16.26 -23.96
C LYS C 150 -23.47 15.77 -23.85
N PHE C 151 -24.11 16.03 -22.72
CA PHE C 151 -25.49 15.58 -22.53
C PHE C 151 -26.49 16.45 -23.26
N ILE C 152 -26.08 17.67 -23.58
CA ILE C 152 -26.91 18.60 -24.33
C ILE C 152 -26.74 18.33 -25.83
N LYS C 153 -25.54 17.90 -26.23
CA LYS C 153 -25.19 17.77 -27.64
C LYS C 153 -25.45 16.39 -28.24
N SER C 155 -27.19 13.12 -29.68
CA SER C 155 -28.42 13.00 -30.48
C SER C 155 -29.51 12.41 -29.61
N PRO C 156 -30.79 12.66 -29.96
CA PRO C 156 -31.88 12.02 -29.21
C PRO C 156 -31.72 10.50 -29.21
N LEU C 157 -31.23 9.95 -30.30
CA LEU C 157 -30.99 8.51 -30.34
C LEU C 157 -29.93 8.07 -29.32
N GLU C 158 -28.80 8.78 -29.29
CA GLU C 158 -27.73 8.46 -28.35
C GLU C 158 -28.27 8.55 -26.91
N ARG C 159 -29.09 9.57 -26.67
CA ARG C 159 -29.63 9.78 -25.35
C ARG C 159 -30.54 8.61 -24.94
N ARG C 160 -31.35 8.12 -25.87
CA ARG C 160 -32.22 6.99 -25.53
C ARG C 160 -31.41 5.71 -25.30
N LEU C 161 -30.37 5.50 -26.09
CA LEU C 161 -29.50 4.34 -25.87
C LEU C 161 -28.92 4.34 -24.46
N LEU C 162 -28.67 5.53 -23.91
CA LEU C 162 -28.14 5.61 -22.55
C LEU C 162 -29.18 5.07 -21.58
N ILE C 163 -30.44 5.46 -21.78
CA ILE C 163 -31.52 4.93 -20.96
C ILE C 163 -31.74 3.42 -21.22
N ASP C 164 -31.58 3.00 -22.48
CA ASP C 164 -31.58 1.57 -22.81
C ASP C 164 -30.60 0.81 -21.93
N ASP C 165 -29.39 1.34 -21.81
CA ASP C 165 -28.32 0.71 -21.05
C ASP C 165 -28.68 0.65 -19.58
N ILE C 166 -29.12 1.78 -19.04
CA ILE C 166 -29.53 1.87 -17.64
C ILE C 166 -30.61 0.86 -17.26
N SER C 167 -31.57 0.65 -18.16
CA SER C 167 -32.70 -0.22 -17.90
C SER C 167 -32.32 -1.71 -17.94
N GLY C 168 -31.22 -2.04 -18.61
CA GLY C 168 -30.72 -3.42 -18.67
C GLY C 168 -31.35 -4.29 -19.74
N ILE C 169 -32.18 -3.70 -20.60
CA ILE C 169 -32.84 -4.45 -21.66
C ILE C 169 -31.82 -5.06 -22.63
N GLU D 4 -42.42 -6.35 -23.56
CA GLU D 4 -41.56 -7.00 -22.59
C GLU D 4 -40.38 -6.08 -22.24
N LYS D 5 -39.39 -6.02 -23.12
CA LYS D 5 -38.29 -5.10 -22.91
C LYS D 5 -38.84 -3.68 -22.93
N LYS D 6 -39.95 -3.50 -23.65
CA LYS D 6 -40.61 -2.20 -23.71
C LYS D 6 -41.19 -1.80 -22.35
N ASN D 7 -41.77 -2.77 -21.65
CA ASN D 7 -42.29 -2.51 -20.31
C ASN D 7 -41.17 -2.16 -19.33
N VAL D 8 -40.05 -2.86 -19.43
CA VAL D 8 -38.89 -2.62 -18.57
C VAL D 8 -38.32 -1.24 -18.85
N PHE D 9 -38.26 -0.86 -20.12
CA PHE D 9 -37.74 0.45 -20.50
C PHE D 9 -38.64 1.56 -19.96
N ARG D 11 -40.61 1.61 -17.36
CA ARG D 11 -40.48 1.81 -15.91
C ARG D 11 -39.22 2.60 -15.59
N THR D 12 -38.11 2.22 -16.22
CA THR D 12 -36.85 2.94 -16.05
C THR D 12 -37.00 4.38 -16.53
N PHE D 13 -37.59 4.55 -17.71
CA PHE D 13 -37.78 5.90 -18.24
C PHE D 13 -38.62 6.80 -17.34
N GLU D 14 -39.76 6.29 -16.87
CA GLU D 14 -40.61 7.12 -16.02
C GLU D 14 -39.94 7.54 -14.71
N ALA D 15 -39.16 6.63 -14.14
CA ALA D 15 -38.45 6.93 -12.89
C ALA D 15 -37.43 8.04 -13.13
N ILE D 16 -36.65 7.90 -14.19
CA ILE D 16 -35.62 8.89 -14.51
C ILE D 16 -36.22 10.23 -14.92
N SER D 17 -37.29 10.20 -15.71
CA SER D 17 -38.00 11.40 -16.11
C SER D 17 -38.52 12.17 -14.90
N ARG D 18 -39.14 11.45 -13.97
CA ARG D 18 -39.63 12.09 -12.77
C ARG D 18 -38.48 12.70 -11.94
N ASN D 19 -37.42 11.92 -11.74
CA ASN D 19 -36.23 12.42 -11.04
C ASN D 19 -35.66 13.67 -11.72
N PHE D 20 -35.55 13.62 -13.04
CA PHE D 20 -34.99 14.74 -13.80
C PHE D 20 -35.78 16.04 -13.56
N SER D 21 -37.10 15.99 -13.66
CA SER D 21 -37.91 17.18 -13.43
C SER D 21 -37.75 17.68 -12.00
N GLU D 22 -37.76 16.77 -11.03
CA GLU D 22 -37.67 17.15 -9.62
C GLU D 22 -36.31 17.75 -9.29
N ILE D 23 -35.26 17.11 -9.79
CA ILE D 23 -33.91 17.61 -9.57
C ILE D 23 -33.67 18.95 -10.26
N PHE D 24 -34.17 19.10 -11.49
CA PHE D 24 -34.00 20.38 -12.19
C PHE D 24 -34.67 21.53 -11.46
N ALA D 25 -35.89 21.31 -10.99
CA ALA D 25 -36.60 22.32 -10.21
C ALA D 25 -35.81 22.75 -8.97
N LYS D 26 -35.09 21.81 -8.38
CA LYS D 26 -34.29 22.10 -7.20
C LYS D 26 -33.04 22.90 -7.56
N LEU D 27 -32.39 22.51 -8.67
CA LEU D 27 -31.18 23.21 -9.10
C LEU D 27 -31.43 24.60 -9.66
N SER D 28 -32.59 24.79 -10.28
CA SER D 28 -32.94 26.03 -11.00
C SER D 28 -34.28 26.55 -10.48
N PRO D 29 -34.26 27.25 -9.35
CA PRO D 29 -35.49 27.71 -8.69
C PRO D 29 -36.42 28.43 -9.66
N GLY D 30 -37.69 28.05 -9.67
CA GLY D 30 -38.66 28.67 -10.55
C GLY D 30 -38.63 28.13 -11.97
N GLY D 31 -37.74 27.18 -12.22
CA GLY D 31 -37.63 26.57 -13.54
C GLY D 31 -38.31 25.22 -13.58
N SER D 32 -38.34 24.62 -14.76
CA SER D 32 -38.88 23.28 -14.94
C SER D 32 -38.22 22.66 -16.17
N ALA D 33 -38.23 21.33 -16.24
CA ALA D 33 -37.68 20.62 -17.40
C ALA D 33 -38.29 19.24 -17.51
N ARG D 34 -38.20 18.66 -18.70
CA ARG D 34 -38.82 17.36 -18.96
C ARG D 34 -37.99 16.53 -19.93
N LEU D 35 -38.06 15.21 -19.77
CA LEU D 35 -37.55 14.28 -20.76
C LEU D 35 -38.73 13.84 -21.62
N ILE D 36 -38.49 13.70 -22.92
CA ILE D 36 -39.56 13.40 -23.86
C ILE D 36 -39.15 12.31 -24.83
N LEU D 37 -39.93 11.24 -24.87
CA LEU D 37 -39.74 10.22 -25.90
C LEU D 37 -40.31 10.74 -27.22
N GLU D 38 -39.53 10.60 -28.29
CA GLU D 38 -39.97 11.00 -29.62
C GLU D 38 -41.09 10.10 -30.15
N ASN D 39 -41.08 8.85 -29.69
CA ASN D 39 -42.11 7.87 -30.06
C ASN D 39 -42.61 7.11 -28.84
N PRO D 40 -43.58 7.70 -28.13
CA PRO D 40 -44.11 7.15 -26.87
C PRO D 40 -44.69 5.75 -27.05
N GLU D 41 -45.32 5.52 -28.19
CA GLU D 41 -45.94 4.21 -28.46
C GLU D 41 -44.88 3.15 -28.71
N ASP D 42 -43.90 3.47 -29.56
CA ASP D 42 -42.76 2.59 -29.79
C ASP D 42 -41.45 3.33 -29.52
N PRO D 43 -41.08 3.47 -28.24
CA PRO D 43 -39.91 4.22 -27.78
C PRO D 43 -38.62 3.85 -28.52
N PHE D 44 -38.45 2.58 -28.86
CA PHE D 44 -37.22 2.12 -29.47
C PHE D 44 -37.08 2.55 -30.93
N SER D 45 -38.15 3.08 -31.50
CA SER D 45 -38.09 3.54 -32.88
C SER D 45 -37.76 5.01 -32.96
N GLY D 46 -37.44 5.60 -31.81
CA GLY D 46 -37.16 7.02 -31.73
C GLY D 46 -36.16 7.38 -30.64
N GLY D 47 -35.90 8.68 -30.51
CA GLY D 47 -34.92 9.17 -29.56
C GLY D 47 -35.54 9.72 -28.29
N LEU D 48 -34.69 10.37 -27.49
CA LEU D 48 -35.13 10.95 -26.22
C LEU D 48 -34.63 12.38 -26.13
N GLU D 49 -35.56 13.31 -25.97
CA GLU D 49 -35.24 14.72 -25.99
C GLU D 49 -35.31 15.34 -24.60
N ILE D 50 -34.56 16.41 -24.42
CA ILE D 50 -34.64 17.21 -23.22
C ILE D 50 -35.26 18.56 -23.53
N GLU D 51 -36.28 18.94 -22.78
CA GLU D 51 -36.83 20.28 -22.87
C GLU D 51 -36.67 20.98 -21.52
N ALA D 52 -36.02 22.14 -21.52
CA ALA D 52 -35.75 22.86 -20.26
C ALA D 52 -36.19 24.31 -20.27
N LYS D 53 -36.83 24.73 -19.18
CA LYS D 53 -37.28 26.11 -19.01
C LYS D 53 -36.70 26.73 -17.74
N PRO D 54 -35.46 27.21 -17.81
CA PRO D 54 -34.92 27.95 -16.66
C PRO D 54 -35.86 29.10 -16.31
N ALA D 55 -35.98 29.44 -15.03
CA ALA D 55 -36.89 30.50 -14.62
C ALA D 55 -36.60 31.79 -15.37
N LYS D 60 -35.93 28.40 -27.05
CA LYS D 60 -36.02 28.02 -28.46
C LYS D 60 -35.26 26.72 -28.73
N ARG D 61 -34.02 26.66 -28.26
CA ARG D 61 -33.17 25.50 -28.41
C ARG D 61 -32.40 25.34 -27.10
N ILE D 62 -32.19 24.12 -26.65
CA ILE D 62 -31.41 23.95 -25.42
C ILE D 62 -29.99 24.46 -25.62
N GLU D 63 -29.51 24.40 -26.86
CA GLU D 63 -28.18 24.92 -27.18
C GLU D 63 -28.06 26.41 -26.92
N ALA D 64 -29.19 27.13 -27.00
CA ALA D 64 -29.20 28.58 -26.89
C ALA D 64 -29.23 29.09 -25.44
N SER D 66 -27.82 29.62 -21.48
CA SER D 66 -26.51 30.04 -20.97
C SER D 66 -25.65 28.83 -20.63
N GLY D 67 -24.36 29.07 -20.47
CA GLY D 67 -23.45 27.99 -20.10
C GLY D 67 -23.83 27.40 -18.76
N GLY D 68 -24.25 28.25 -17.83
CA GLY D 68 -24.66 27.78 -16.52
C GLY D 68 -25.92 26.95 -16.60
N GLU D 69 -26.91 27.44 -17.37
CA GLU D 69 -28.16 26.73 -17.56
C GLU D 69 -27.92 25.37 -18.19
N LYS D 70 -26.99 25.30 -19.13
CA LYS D 70 -26.68 24.02 -19.76
C LYS D 70 -26.04 23.05 -18.77
N ALA D 71 -25.15 23.56 -17.92
CA ALA D 71 -24.51 22.76 -16.89
C ALA D 71 -25.56 22.20 -15.93
N LEU D 72 -26.48 23.05 -15.46
CA LEU D 72 -27.51 22.57 -14.54
C LEU D 72 -28.41 21.53 -15.20
N THR D 73 -28.72 21.75 -16.47
CA THR D 73 -29.57 20.80 -17.20
C THR D 73 -28.89 19.44 -17.33
N ALA D 74 -27.62 19.44 -17.72
CA ALA D 74 -26.88 18.21 -17.85
C ALA D 74 -26.69 17.51 -16.51
N LEU D 75 -26.41 18.28 -15.47
CA LEU D 75 -26.24 17.68 -14.14
C LEU D 75 -27.56 17.10 -13.61
N ALA D 76 -28.66 17.80 -13.86
CA ALA D 76 -29.96 17.24 -13.46
C ALA D 76 -30.19 15.87 -14.12
N PHE D 77 -29.78 15.74 -15.39
CA PHE D 77 -29.88 14.46 -16.08
C PHE D 77 -28.96 13.39 -15.45
N VAL D 78 -27.70 13.74 -15.21
CA VAL D 78 -26.77 12.80 -14.58
C VAL D 78 -27.32 12.33 -13.23
N PHE D 79 -27.81 13.25 -12.43
CA PHE D 79 -28.31 12.90 -11.11
C PHE D 79 -29.67 12.20 -11.12
N ALA D 80 -30.46 12.42 -12.17
CA ALA D 80 -31.71 11.67 -12.35
C ALA D 80 -31.42 10.18 -12.52
N ILE D 81 -30.39 9.88 -13.32
CA ILE D 81 -29.99 8.49 -13.48
C ILE D 81 -29.40 7.96 -12.18
N GLN D 82 -28.55 8.76 -11.54
CA GLN D 82 -27.88 8.32 -10.31
C GLN D 82 -28.89 7.93 -9.24
N LYS D 83 -29.93 8.73 -9.12
CA LYS D 83 -30.97 8.44 -8.14
C LYS D 83 -31.67 7.10 -8.41
N PHE D 84 -31.91 6.80 -9.68
CA PHE D 84 -32.58 5.55 -10.05
C PHE D 84 -31.66 4.33 -9.95
N LYS D 85 -30.40 4.48 -10.37
CA LYS D 85 -29.47 3.36 -10.35
C LYS D 85 -28.08 3.88 -10.10
N PRO D 86 -27.73 4.10 -8.83
CA PRO D 86 -26.45 4.73 -8.48
C PRO D 86 -25.25 3.98 -9.04
N ALA D 87 -24.36 4.67 -9.76
CA ALA D 87 -23.14 4.04 -10.25
C ALA D 87 -22.12 3.98 -9.12
N PRO D 88 -21.08 3.14 -9.27
CA PRO D 88 -20.09 3.04 -8.19
C PRO D 88 -19.39 4.36 -7.89
N PHE D 89 -18.99 5.12 -8.92
CA PHE D 89 -18.37 6.40 -8.67
C PHE D 89 -18.73 7.38 -9.78
N TYR D 90 -18.62 8.67 -9.46
CA TYR D 90 -18.77 9.78 -10.40
C TYR D 90 -17.50 10.61 -10.36
N LEU D 91 -16.99 10.94 -11.55
CA LEU D 91 -15.80 11.77 -11.68
C LEU D 91 -16.20 13.03 -12.42
N PHE D 92 -16.12 14.18 -11.75
CA PHE D 92 -16.52 15.47 -12.30
C PHE D 92 -15.33 16.41 -12.33
N ASP D 93 -15.00 16.95 -13.50
CA ASP D 93 -13.83 17.83 -13.61
C ASP D 93 -14.28 19.26 -13.95
N GLU D 94 -14.27 20.11 -12.93
CA GLU D 94 -14.62 21.53 -13.10
C GLU D 94 -16.01 21.73 -13.73
N ILE D 95 -17.00 21.03 -13.18
CA ILE D 95 -18.37 21.11 -13.67
C ILE D 95 -19.05 22.38 -13.19
N ASP D 96 -18.34 23.15 -12.36
CA ASP D 96 -18.88 24.37 -11.78
C ASP D 96 -18.34 25.59 -12.49
N ALA D 97 -17.63 25.38 -13.58
CA ALA D 97 -16.96 26.47 -14.28
C ALA D 97 -17.88 27.61 -14.72
N HIS D 98 -19.11 27.28 -15.11
CA HIS D 98 -20.06 28.31 -15.56
C HIS D 98 -21.13 28.63 -14.50
N LEU D 99 -20.87 28.27 -13.26
CA LEU D 99 -21.88 28.45 -12.21
C LEU D 99 -21.48 29.52 -11.19
N ASP D 100 -22.42 30.38 -10.81
CA ASP D 100 -22.14 31.29 -9.70
C ASP D 100 -22.22 30.54 -8.36
N ASP D 101 -21.80 31.18 -7.27
CA ASP D 101 -21.75 30.49 -5.99
C ASP D 101 -23.07 29.89 -5.52
N ALA D 102 -24.18 30.60 -5.72
CA ALA D 102 -25.47 30.08 -5.29
C ALA D 102 -25.79 28.78 -6.01
N ASN D 103 -25.47 28.74 -7.29
CA ASN D 103 -25.69 27.53 -8.09
C ASN D 103 -24.72 26.41 -7.73
N VAL D 104 -23.46 26.77 -7.49
CA VAL D 104 -22.49 25.78 -7.02
C VAL D 104 -22.98 25.14 -5.71
N LYS D 105 -23.55 25.93 -4.80
CA LYS D 105 -24.04 25.35 -3.56
C LYS D 105 -25.13 24.30 -3.77
N ARG D 106 -26.08 24.60 -4.66
CA ARG D 106 -27.15 23.64 -4.92
C ARG D 106 -26.58 22.36 -5.51
N VAL D 107 -25.57 22.48 -6.38
CA VAL D 107 -24.95 21.29 -6.97
C VAL D 107 -24.16 20.51 -5.92
N ALA D 108 -23.42 21.24 -5.10
CA ALA D 108 -22.62 20.60 -4.05
C ALA D 108 -23.50 19.86 -3.03
N ASP D 109 -24.65 20.43 -2.68
CA ASP D 109 -25.56 19.76 -1.76
C ASP D 109 -26.12 18.49 -2.40
N LEU D 110 -26.35 18.51 -3.70
CA LEU D 110 -26.85 17.34 -4.42
C LEU D 110 -25.78 16.24 -4.43
N ILE D 111 -24.54 16.62 -4.71
CA ILE D 111 -23.43 15.69 -4.60
C ILE D 111 -23.32 15.11 -3.20
N LYS D 112 -23.36 15.97 -2.19
CA LYS D 112 -23.20 15.51 -0.82
C LYS D 112 -24.29 14.51 -0.44
N GLU D 113 -25.55 14.81 -0.78
CA GLU D 113 -26.66 13.91 -0.47
C GLU D 113 -26.53 12.60 -1.25
N SER D 114 -26.13 12.70 -2.52
CA SER D 114 -26.02 11.51 -3.36
C SER D 114 -24.83 10.65 -2.95
N SER D 115 -23.88 11.23 -2.23
CA SER D 115 -22.66 10.52 -1.86
C SER D 115 -22.92 9.46 -0.79
N LYS D 116 -24.15 9.40 -0.30
CA LYS D 116 -24.54 8.29 0.57
C LYS D 116 -24.63 7.00 -0.23
N GLU D 117 -24.89 7.12 -1.53
CA GLU D 117 -25.16 5.95 -2.38
C GLU D 117 -24.09 5.71 -3.44
N SER D 118 -23.31 6.75 -3.77
CA SER D 118 -22.24 6.67 -4.78
C SER D 118 -21.01 7.46 -4.33
N GLN D 119 -19.84 7.05 -4.79
CA GLN D 119 -18.63 7.83 -4.56
C GLN D 119 -18.55 8.99 -5.55
N PHE D 120 -18.11 10.16 -5.09
CA PHE D 120 -17.93 11.32 -5.97
C PHE D 120 -16.51 11.86 -5.84
N ILE D 121 -15.85 12.05 -6.99
CA ILE D 121 -14.52 12.64 -7.05
C ILE D 121 -14.62 13.89 -7.92
N VAL D 122 -14.38 15.05 -7.33
CA VAL D 122 -14.70 16.32 -7.99
C VAL D 122 -13.48 17.22 -8.02
N ILE D 123 -13.02 17.58 -9.21
CA ILE D 123 -11.95 18.54 -9.34
C ILE D 123 -12.57 19.92 -9.39
N THR D 124 -12.07 20.83 -8.54
CA THR D 124 -12.70 22.14 -8.44
C THR D 124 -11.68 23.21 -8.01
N LEU D 125 -11.96 24.46 -8.39
CA LEU D 125 -11.23 25.61 -7.87
C LEU D 125 -12.12 26.46 -6.97
N ARG D 126 -13.29 25.94 -6.61
CA ARG D 126 -14.32 26.72 -5.91
C ARG D 126 -14.50 26.33 -4.42
N ASP D 127 -14.34 27.30 -3.52
CA ASP D 127 -14.53 27.05 -2.10
C ASP D 127 -15.90 26.44 -1.79
N VAL D 128 -16.95 26.95 -2.43
CA VAL D 128 -18.28 26.46 -2.12
C VAL D 128 -18.44 24.99 -2.50
N ALA D 131 -16.78 22.60 0.19
CA ALA D 131 -17.14 22.89 1.59
C ALA D 131 -17.47 21.65 2.41
N ASN D 132 -18.29 20.77 1.85
CA ASN D 132 -18.73 19.61 2.59
C ASN D 132 -18.12 18.30 2.08
N ALA D 133 -16.95 18.41 1.45
CA ALA D 133 -16.25 17.19 1.02
C ALA D 133 -15.76 16.41 2.23
N ASP D 134 -15.73 15.09 2.11
CA ASP D 134 -15.20 14.24 3.19
C ASP D 134 -13.68 14.27 3.25
N LYS D 135 -13.06 14.34 2.07
CA LYS D 135 -11.61 14.43 1.94
C LYS D 135 -11.25 15.43 0.86
N ILE D 136 -10.09 16.06 1.03
CA ILE D 136 -9.55 16.98 0.03
C ILE D 136 -8.15 16.55 -0.36
N ILE D 137 -7.92 16.44 -1.67
CA ILE D 137 -6.61 16.09 -2.21
C ILE D 137 -6.02 17.33 -2.84
N GLY D 138 -4.78 17.62 -2.49
CA GLY D 138 -4.05 18.73 -3.06
C GLY D 138 -3.03 18.30 -4.09
N VAL D 139 -3.08 18.91 -5.27
CA VAL D 139 -2.15 18.61 -6.32
C VAL D 139 -1.19 19.77 -6.52
N SER D 140 0.11 19.48 -6.63
CA SER D 140 1.08 20.51 -6.94
C SER D 140 2.16 19.98 -7.86
N ARG D 142 6.26 20.46 -9.09
CA ARG D 142 7.60 20.99 -8.87
C ARG D 142 8.51 20.37 -9.92
N ASP D 143 9.26 21.22 -10.63
CA ASP D 143 10.19 20.76 -11.65
C ASP D 143 9.53 19.77 -12.62
N GLY D 144 8.31 20.08 -13.02
CA GLY D 144 7.59 19.30 -14.02
C GLY D 144 6.93 18.02 -13.52
N VAL D 145 7.01 17.76 -12.21
CA VAL D 145 6.47 16.52 -11.67
C VAL D 145 5.33 16.79 -10.70
N SER D 146 4.18 16.16 -10.93
CA SER D 146 3.04 16.32 -10.06
C SER D 146 3.16 15.47 -8.80
N LYS D 147 2.64 15.99 -7.69
CA LYS D 147 2.52 15.19 -6.48
C LYS D 147 1.22 15.53 -5.78
N VAL D 148 0.76 14.61 -4.92
CA VAL D 148 -0.47 14.83 -4.18
C VAL D 148 -0.25 14.73 -2.67
N VAL D 149 -1.05 15.48 -1.93
CA VAL D 149 -1.04 15.40 -0.47
C VAL D 149 -2.48 15.49 0.00
N SER D 150 -2.74 15.03 1.22
CA SER D 150 -4.05 15.22 1.82
C SER D 150 -4.09 16.59 2.48
N LEU D 151 -5.17 17.34 2.24
CA LEU D 151 -5.30 18.69 2.79
C LEU D 151 -6.41 18.85 3.83
N SER D 152 -6.14 19.65 4.86
CA SER D 152 -7.19 20.10 5.75
C SER D 152 -8.00 21.18 5.05
N LEU D 153 -9.19 21.47 5.55
CA LEU D 153 -9.97 22.60 5.05
C LEU D 153 -9.15 23.89 5.06
N GLU D 154 -8.42 24.12 6.14
CA GLU D 154 -7.62 25.33 6.28
C GLU D 154 -6.56 25.45 5.20
N LYS D 155 -5.82 24.37 4.95
CA LYS D 155 -4.78 24.39 3.93
C LYS D 155 -5.39 24.53 2.53
N ALA D 156 -6.52 23.89 2.31
CA ALA D 156 -7.18 23.98 1.01
C ALA D 156 -7.68 25.39 0.77
N LYS D 158 -6.31 28.14 1.87
CA LYS D 158 -5.13 28.95 1.56
C LYS D 158 -4.66 28.71 0.14
N ILE D 159 -4.75 27.47 -0.31
CA ILE D 159 -4.38 27.12 -1.67
C ILE D 159 -5.27 27.79 -2.73
N LEU D 160 -6.58 27.79 -2.50
CA LEU D 160 -7.51 28.37 -3.47
C LEU D 160 -7.38 29.90 -3.53
N GLU D 161 -7.07 30.49 -2.39
CA GLU D 161 -6.82 31.93 -2.33
C GLU D 161 -5.63 32.28 -3.22
N GLU D 162 -4.48 31.70 -2.88
CA GLU D 162 -3.25 31.90 -3.65
C GLU D 162 -3.50 31.76 -5.14
N ILE D 163 -4.26 30.74 -5.52
CA ILE D 163 -4.60 30.49 -6.92
C ILE D 163 -5.36 31.67 -7.53
N ARG D 164 -6.26 32.28 -6.76
CA ARG D 164 -6.99 33.45 -7.24
C ARG D 164 -6.08 34.68 -7.35
N LYS D 165 -5.06 34.75 -6.49
CA LYS D 165 -4.16 35.91 -6.48
C LYS D 165 -3.19 35.85 -7.66
#